data_7T2U
#
_entry.id   7T2U
#
_cell.length_a   63.390
_cell.length_b   67.710
_cell.length_c   77.840
_cell.angle_alpha   102.510
_cell.angle_beta   89.910
_cell.angle_gamma   107.390
#
_symmetry.space_group_name_H-M   'P 1'
#
loop_
_entity.id
_entity.type
_entity.pdbx_description
1 polymer '3C-Like Protease'
2 polymer 'NEMO peptide'
3 water water
#
loop_
_entity_poly.entity_id
_entity_poly.type
_entity_poly.pdbx_seq_one_letter_code
_entity_poly.pdbx_strand_id
1 'polypeptide(L)'
;MHHHHHHENLYFQSGFRKMAFPSGKVEGCMVQVTCGTTTLNGLWLDDVVYCPRHVICTSEDMLNPNYEDLLIRKSNHNFL
VQAGNVQLRVIGHSMQNCVLKLKVDTANPKTPKYKFVRIQPGQTFSVLACYNGSPSGVYQCAMRPNFTIKGSFLNGSSGS
VGFNIDYDCVSFCYMHHMELPTGVHAGTDLEGNFYGPFVDRQTAQAAGTDTTITVNVLAWLYAAVINGDRWFLNRFTTTL
NDFNLVAMKYNYEPLTQDHVDILGPLSAQTGIAVLDMCASLKELLQNGMNGRTILGSALLEDEFTPFDVVRQCSGVTFQ
;
A,B,C,D
2 'polypeptide(L)' KLAQLQVAYH E,F
#
# COMPACT_ATOMS: atom_id res chain seq x y z
N SER A 14 -6.56 -1.45 19.51
CA SER A 14 -7.89 -1.00 18.99
C SER A 14 -8.20 0.42 19.49
N GLY A 15 -9.46 0.86 19.38
CA GLY A 15 -9.86 2.26 19.64
C GLY A 15 -9.78 3.09 18.37
N PHE A 16 -10.39 4.28 18.38
CA PHE A 16 -10.56 5.10 17.15
C PHE A 16 -10.67 6.58 17.54
N ARG A 17 -9.71 7.39 17.05
CA ARG A 17 -9.52 8.81 17.42
C ARG A 17 -9.37 9.60 16.13
N LYS A 18 -9.70 10.90 16.17
CA LYS A 18 -9.39 11.81 15.05
C LYS A 18 -7.88 12.07 15.06
N MET A 19 -7.16 11.44 14.13
CA MET A 19 -5.69 11.30 14.16
C MET A 19 -5.12 12.14 13.01
N ALA A 20 -4.28 13.12 13.33
CA ALA A 20 -3.49 13.95 12.39
C ALA A 20 -2.19 13.21 12.07
N PHE A 21 -1.51 13.60 10.99
CA PHE A 21 -0.15 13.11 10.64
C PHE A 21 0.84 13.85 11.53
N PRO A 22 1.98 13.23 11.90
CA PRO A 22 3.05 13.95 12.60
C PRO A 22 3.46 15.21 11.84
N SER A 23 3.60 16.34 12.53
CA SER A 23 3.71 17.69 11.89
C SER A 23 5.16 18.11 11.71
N GLY A 24 6.13 17.33 12.18
CA GLY A 24 7.56 17.68 12.18
C GLY A 24 8.06 18.16 10.83
N LYS A 25 7.78 17.41 9.77
CA LYS A 25 8.31 17.68 8.39
C LYS A 25 7.80 19.04 7.89
N VAL A 26 6.64 19.47 8.37
CA VAL A 26 5.96 20.72 7.97
C VAL A 26 6.47 21.86 8.86
N GLU A 27 6.57 21.64 10.18
CA GLU A 27 7.07 22.64 11.16
C GLU A 27 8.40 23.22 10.65
N GLY A 28 9.35 22.36 10.29
CA GLY A 28 10.67 22.73 9.73
C GLY A 28 10.59 23.64 8.49
N CYS A 29 9.41 23.87 7.90
CA CYS A 29 9.21 24.70 6.68
C CYS A 29 8.43 26.00 6.95
N MET A 30 7.92 26.20 8.16
CA MET A 30 7.05 27.36 8.48
C MET A 30 7.95 28.57 8.76
N VAL A 31 7.66 29.70 8.10
CA VAL A 31 8.34 31.00 8.29
C VAL A 31 7.27 32.06 8.54
N GLN A 32 7.71 33.23 8.99
CA GLN A 32 6.89 34.44 9.17
C GLN A 32 7.20 35.39 8.02
N VAL A 33 6.18 35.82 7.29
CA VAL A 33 6.33 36.84 6.21
C VAL A 33 5.61 38.10 6.68
N THR A 34 6.27 39.24 6.55
CA THR A 34 5.71 40.58 6.90
C THR A 34 5.87 41.48 5.67
N CYS A 35 4.76 42.01 5.19
CA CYS A 35 4.73 43.09 4.18
C CYS A 35 3.89 44.24 4.75
N GLY A 36 4.54 45.36 5.06
CA GLY A 36 3.93 46.52 5.73
C GLY A 36 3.42 46.15 7.12
N THR A 37 2.13 46.29 7.36
CA THR A 37 1.47 46.09 8.67
C THR A 37 0.80 44.72 8.74
N THR A 38 0.87 43.93 7.67
CA THR A 38 0.31 42.54 7.65
C THR A 38 1.46 41.56 7.87
N THR A 39 1.30 40.64 8.83
CA THR A 39 2.12 39.45 9.05
C THR A 39 1.26 38.20 8.87
N LEU A 40 1.79 37.18 8.20
CA LEU A 40 1.18 35.83 8.12
C LEU A 40 2.30 34.79 8.04
N ASN A 41 1.92 33.56 7.70
CA ASN A 41 2.86 32.42 7.59
C ASN A 41 3.22 32.17 6.12
N GLY A 42 4.45 31.76 5.90
CA GLY A 42 4.92 31.20 4.61
C GLY A 42 5.36 29.77 4.79
N LEU A 43 5.45 29.04 3.68
CA LEU A 43 6.00 27.67 3.61
C LEU A 43 7.30 27.73 2.81
N TRP A 44 8.41 27.38 3.45
CA TRP A 44 9.80 27.49 2.91
C TRP A 44 10.23 26.11 2.42
N LEU A 45 10.20 25.91 1.10
CA LEU A 45 10.65 24.69 0.38
C LEU A 45 11.76 25.07 -0.60
N ASP A 46 12.93 24.45 -0.48
CA ASP A 46 14.11 24.79 -1.32
C ASP A 46 14.36 26.30 -1.15
N ASP A 47 14.47 27.04 -2.25
CA ASP A 47 14.85 28.48 -2.22
C ASP A 47 13.62 29.37 -2.37
N VAL A 48 12.41 28.86 -2.16
CA VAL A 48 11.14 29.65 -2.35
C VAL A 48 10.34 29.65 -1.03
N VAL A 49 9.68 30.78 -0.72
CA VAL A 49 8.65 30.89 0.35
C VAL A 49 7.29 31.13 -0.32
N TYR A 50 6.33 30.22 -0.11
CA TYR A 50 4.94 30.32 -0.61
C TYR A 50 4.06 30.91 0.49
N CYS A 51 3.31 31.97 0.19
CA CYS A 51 2.33 32.54 1.15
C CYS A 51 1.16 33.10 0.37
N PRO A 52 0.05 33.42 1.06
CA PRO A 52 -1.12 34.04 0.43
C PRO A 52 -0.66 35.42 -0.05
N ARG A 53 -1.08 35.83 -1.24
CA ARG A 53 -0.63 37.05 -1.95
C ARG A 53 -1.35 38.27 -1.35
N HIS A 54 -2.49 38.05 -0.66
CA HIS A 54 -3.18 39.14 0.09
C HIS A 54 -2.24 39.81 1.11
N VAL A 55 -1.04 39.27 1.34
CA VAL A 55 0.00 39.88 2.23
C VAL A 55 0.44 41.26 1.70
N ILE A 56 0.40 41.52 0.39
CA ILE A 56 0.92 42.79 -0.19
C ILE A 56 -0.14 43.91 -0.12
N CYS A 57 -1.38 43.60 0.28
CA CYS A 57 -2.54 44.53 0.17
C CYS A 57 -2.77 45.32 1.47
N THR A 58 -2.94 46.64 1.35
CA THR A 58 -3.63 47.48 2.37
C THR A 58 -5.13 47.15 2.32
N SER A 59 -5.86 47.52 3.39
CA SER A 59 -7.33 47.43 3.49
C SER A 59 -7.98 48.01 2.23
N GLU A 60 -7.60 49.24 1.85
CA GLU A 60 -8.09 49.91 0.62
C GLU A 60 -7.80 49.01 -0.59
N ASP A 61 -6.56 48.52 -0.74
CA ASP A 61 -6.14 47.63 -1.85
C ASP A 61 -7.11 46.44 -1.94
N MET A 62 -7.39 45.81 -0.79
CA MET A 62 -8.18 44.56 -0.71
C MET A 62 -9.58 44.74 -1.34
N LEU A 63 -10.07 45.97 -1.44
CA LEU A 63 -11.47 46.24 -1.88
C LEU A 63 -11.62 45.95 -3.38
N ASN A 64 -10.53 46.07 -4.14
CA ASN A 64 -10.54 45.79 -5.60
C ASN A 64 -9.12 45.55 -6.10
N PRO A 65 -8.41 44.53 -5.57
CA PRO A 65 -6.98 44.39 -5.79
C PRO A 65 -6.71 44.01 -7.25
N ASN A 66 -5.84 44.79 -7.91
CA ASN A 66 -5.20 44.39 -9.19
C ASN A 66 -3.81 43.86 -8.80
N TYR A 67 -3.74 42.56 -8.54
CA TYR A 67 -2.58 41.89 -7.90
C TYR A 67 -1.35 42.02 -8.78
N GLU A 68 -1.51 41.84 -10.10
CA GLU A 68 -0.43 42.08 -11.09
C GLU A 68 0.15 43.48 -10.82
N ASP A 69 -0.71 44.50 -10.79
CA ASP A 69 -0.31 45.94 -10.69
C ASP A 69 0.28 46.22 -9.29
N LEU A 70 -0.21 45.55 -8.23
CA LEU A 70 0.21 45.80 -6.83
C LEU A 70 1.60 45.18 -6.61
N LEU A 71 1.85 44.01 -7.20
CA LEU A 71 3.09 43.23 -6.95
C LEU A 71 4.29 43.83 -7.71
N ILE A 72 4.10 44.32 -8.93
CA ILE A 72 5.21 44.97 -9.69
C ILE A 72 5.68 46.20 -8.91
N ARG A 73 4.82 46.81 -8.08
CA ARG A 73 5.14 48.05 -7.30
C ARG A 73 6.02 47.71 -6.08
N LYS A 74 6.20 46.43 -5.76
CA LYS A 74 6.88 45.99 -4.51
C LYS A 74 8.37 45.71 -4.81
N SER A 75 9.19 45.95 -3.80
CA SER A 75 10.64 45.66 -3.78
C SER A 75 10.87 44.42 -2.91
N ASN A 76 12.00 43.75 -3.13
CA ASN A 76 12.36 42.55 -2.34
C ASN A 76 12.44 42.92 -0.86
N HIS A 77 12.77 44.18 -0.51
CA HIS A 77 13.03 44.60 0.90
C HIS A 77 11.73 45.07 1.59
N ASN A 78 10.64 45.25 0.84
CA ASN A 78 9.26 45.42 1.37
C ASN A 78 8.77 44.10 2.01
N PHE A 79 9.51 42.99 1.87
CA PHE A 79 9.15 41.67 2.44
C PHE A 79 10.19 41.27 3.50
N LEU A 80 9.74 41.15 4.75
CA LEU A 80 10.54 40.66 5.90
C LEU A 80 10.13 39.22 6.17
N VAL A 81 10.99 38.26 5.81
CA VAL A 81 10.78 36.80 6.02
C VAL A 81 11.68 36.35 7.16
N GLN A 82 11.13 35.72 8.20
CA GLN A 82 11.91 35.21 9.35
C GLN A 82 11.65 33.71 9.53
N ALA A 83 12.72 32.90 9.54
CA ALA A 83 12.74 31.49 9.96
C ALA A 83 13.23 31.44 11.40
N GLY A 84 12.29 31.33 12.34
CA GLY A 84 12.54 31.58 13.77
C GLY A 84 13.23 32.92 13.97
N ASN A 85 14.51 32.90 14.35
CA ASN A 85 15.30 34.08 14.79
C ASN A 85 16.08 34.70 13.63
N VAL A 86 16.12 34.04 12.46
CA VAL A 86 17.02 34.38 11.32
C VAL A 86 16.19 34.95 10.16
N GLN A 87 16.47 36.19 9.77
CA GLN A 87 15.88 36.81 8.57
C GLN A 87 16.41 36.05 7.35
N LEU A 88 15.50 35.58 6.48
CA LEU A 88 15.82 35.10 5.12
C LEU A 88 15.83 36.32 4.21
N ARG A 89 16.85 36.47 3.37
CA ARG A 89 16.91 37.58 2.39
C ARG A 89 16.04 37.20 1.20
N VAL A 90 15.11 38.06 0.81
CA VAL A 90 14.26 37.88 -0.39
C VAL A 90 15.04 38.43 -1.58
N ILE A 91 15.21 37.64 -2.65
CA ILE A 91 16.04 38.04 -3.83
C ILE A 91 15.15 38.11 -5.09
N GLY A 92 13.88 37.73 -4.97
CA GLY A 92 12.89 37.75 -6.07
C GLY A 92 11.49 37.51 -5.55
N HIS A 93 10.49 37.96 -6.32
CA HIS A 93 9.06 37.75 -6.05
C HIS A 93 8.36 37.45 -7.38
N SER A 94 7.43 36.50 -7.35
CA SER A 94 6.49 36.21 -8.46
C SER A 94 5.16 35.78 -7.85
N MET A 95 4.16 35.62 -8.69
CA MET A 95 2.79 35.24 -8.29
C MET A 95 2.34 34.05 -9.12
N GLN A 96 1.87 32.98 -8.46
CA GLN A 96 1.16 31.87 -9.15
C GLN A 96 -0.26 31.84 -8.62
N ASN A 97 -1.23 32.21 -9.47
CA ASN A 97 -2.67 32.30 -9.12
C ASN A 97 -2.72 33.15 -7.83
N CYS A 98 -3.27 32.63 -6.71
CA CYS A 98 -3.41 33.40 -5.45
C CYS A 98 -2.27 33.13 -4.45
N VAL A 99 -1.16 32.50 -4.85
CA VAL A 99 0.03 32.39 -3.94
C VAL A 99 1.18 33.25 -4.45
N LEU A 100 1.83 33.91 -3.49
CA LEU A 100 3.10 34.67 -3.64
C LEU A 100 4.27 33.70 -3.43
N LYS A 101 5.12 33.56 -4.45
CA LYS A 101 6.40 32.80 -4.39
C LYS A 101 7.54 33.79 -4.14
N LEU A 102 8.10 33.79 -2.94
CA LEU A 102 9.23 34.70 -2.57
C LEU A 102 10.52 33.89 -2.71
N LYS A 103 11.37 34.30 -3.64
CA LYS A 103 12.68 33.68 -3.93
C LYS A 103 13.64 34.20 -2.85
N VAL A 104 14.32 33.31 -2.13
CA VAL A 104 15.19 33.65 -0.98
C VAL A 104 16.60 33.12 -1.28
N ASP A 105 17.62 33.71 -0.65
CA ASP A 105 19.04 33.47 -1.00
C ASP A 105 19.53 32.14 -0.41
N THR A 106 18.77 31.51 0.49
CA THR A 106 19.13 30.24 1.17
C THR A 106 18.03 29.20 0.88
N ALA A 107 18.43 27.95 0.57
CA ALA A 107 17.53 26.79 0.40
C ALA A 107 17.24 26.19 1.77
N ASN A 108 15.98 25.83 2.05
CA ASN A 108 15.59 25.23 3.35
C ASN A 108 16.27 23.86 3.49
N PRO A 109 17.31 23.74 4.35
CA PRO A 109 18.00 22.46 4.52
C PRO A 109 17.16 21.39 5.22
N LYS A 110 15.96 21.76 5.70
CA LYS A 110 14.99 20.82 6.31
C LYS A 110 13.82 20.62 5.35
N THR A 111 13.97 20.96 4.06
CA THR A 111 12.90 20.72 3.06
C THR A 111 12.69 19.21 2.96
N PRO A 112 11.48 18.69 3.26
CA PRO A 112 11.22 17.27 3.15
C PRO A 112 11.02 16.91 1.67
N LYS A 113 10.94 15.63 1.37
CA LYS A 113 10.38 15.14 0.10
C LYS A 113 8.92 15.54 0.14
N TYR A 114 8.42 16.20 -0.90
CA TYR A 114 7.08 16.83 -0.92
C TYR A 114 6.53 16.78 -2.34
N LYS A 115 5.20 16.87 -2.44
CA LYS A 115 4.47 17.18 -3.68
C LYS A 115 3.30 18.12 -3.32
N PHE A 116 2.88 18.93 -4.29
CA PHE A 116 1.68 19.77 -4.28
C PHE A 116 0.57 18.95 -4.90
N VAL A 117 -0.51 18.67 -4.16
CA VAL A 117 -1.70 17.94 -4.70
C VAL A 117 -2.95 18.78 -4.49
N ARG A 118 -3.94 18.60 -5.35
CA ARG A 118 -5.31 19.11 -5.18
C ARG A 118 -6.16 17.95 -4.70
N ILE A 119 -6.86 18.12 -3.57
CA ILE A 119 -7.77 17.11 -2.99
C ILE A 119 -9.19 17.43 -3.42
N GLN A 120 -10.08 16.44 -3.33
CA GLN A 120 -11.50 16.53 -3.72
C GLN A 120 -12.33 16.72 -2.46
N PRO A 121 -13.59 17.21 -2.58
CA PRO A 121 -14.51 17.25 -1.44
C PRO A 121 -14.74 15.86 -0.83
N GLY A 122 -14.71 15.75 0.49
CA GLY A 122 -14.86 14.48 1.22
C GLY A 122 -13.53 13.91 1.69
N GLN A 123 -12.41 14.39 1.15
CA GLN A 123 -11.04 13.90 1.53
C GLN A 123 -10.55 14.71 2.74
N THR A 124 -9.63 14.12 3.49
CA THR A 124 -9.18 14.71 4.78
C THR A 124 -7.69 15.01 4.72
N PHE A 125 -7.26 15.90 5.60
CA PHE A 125 -5.84 16.31 5.73
C PHE A 125 -5.60 16.85 7.14
N SER A 126 -4.33 16.88 7.51
CA SER A 126 -3.84 17.49 8.77
C SER A 126 -3.57 18.98 8.55
N VAL A 127 -3.95 19.80 9.52
CA VAL A 127 -3.68 21.26 9.51
C VAL A 127 -2.66 21.54 10.61
N LEU A 128 -1.60 22.26 10.26
CA LEU A 128 -0.67 22.80 11.27
C LEU A 128 -0.98 24.29 11.38
N ALA A 129 -1.77 24.64 12.40
CA ALA A 129 -2.23 26.01 12.69
C ALA A 129 -1.02 26.78 13.23
N CYS A 130 -0.73 27.92 12.62
CA CYS A 130 0.51 28.69 12.83
C CYS A 130 0.18 30.18 12.97
N TYR A 131 1.04 30.89 13.70
CA TYR A 131 1.02 32.36 13.89
C TYR A 131 2.47 32.84 14.02
N ASN A 132 2.86 33.89 13.31
CA ASN A 132 4.21 34.50 13.43
C ASN A 132 5.25 33.45 13.01
N GLY A 133 4.88 32.57 12.07
CA GLY A 133 5.74 31.49 11.57
C GLY A 133 5.91 30.34 12.56
N SER A 134 5.23 30.34 13.71
CA SER A 134 5.41 29.30 14.77
C SER A 134 4.14 28.46 14.93
N PRO A 135 4.29 27.14 15.16
CA PRO A 135 3.15 26.23 15.25
C PRO A 135 2.36 26.32 16.57
N SER A 136 1.04 26.40 16.46
CA SER A 136 0.12 26.38 17.63
C SER A 136 -0.31 24.93 17.90
N GLY A 137 -0.63 24.17 16.85
CA GLY A 137 -1.16 22.81 17.03
C GLY A 137 -1.59 22.18 15.73
N VAL A 138 -1.95 20.90 15.79
CA VAL A 138 -2.26 20.07 14.59
C VAL A 138 -3.58 19.37 14.80
N TYR A 139 -4.48 19.40 13.80
CA TYR A 139 -5.79 18.71 13.84
C TYR A 139 -6.13 18.20 12.43
N GLN A 140 -7.15 17.33 12.37
CA GLN A 140 -7.63 16.66 11.16
C GLN A 140 -8.88 17.39 10.66
N CYS A 141 -8.98 17.59 9.34
CA CYS A 141 -10.08 18.32 8.65
C CYS A 141 -10.55 17.49 7.46
N ALA A 142 -11.79 17.72 7.03
CA ALA A 142 -12.29 17.36 5.69
C ALA A 142 -12.52 18.63 4.88
N MET A 143 -12.14 18.59 3.61
CA MET A 143 -12.74 19.43 2.55
C MET A 143 -14.24 19.08 2.53
N ARG A 144 -15.10 20.07 2.82
CA ARG A 144 -16.57 19.91 2.78
C ARG A 144 -17.02 19.91 1.33
N PRO A 145 -18.22 19.32 1.05
CA PRO A 145 -18.79 19.35 -0.28
C PRO A 145 -18.87 20.76 -0.89
N ASN A 146 -19.07 21.79 -0.07
CA ASN A 146 -19.17 23.21 -0.52
C ASN A 146 -17.79 23.88 -0.56
N PHE A 147 -16.70 23.11 -0.45
CA PHE A 147 -15.30 23.56 -0.69
C PHE A 147 -14.81 24.50 0.42
N THR A 148 -15.36 24.38 1.62
CA THR A 148 -14.87 25.11 2.81
C THR A 148 -14.24 24.07 3.74
N ILE A 149 -13.46 24.52 4.71
CA ILE A 149 -13.02 23.64 5.83
C ILE A 149 -13.51 24.27 7.13
N LYS A 150 -13.87 23.42 8.10
CA LYS A 150 -14.27 23.82 9.46
C LYS A 150 -13.02 23.77 10.32
N GLY A 151 -12.15 24.78 10.18
CA GLY A 151 -10.86 24.85 10.89
C GLY A 151 -11.01 25.50 12.25
N SER A 152 -9.92 25.60 13.00
CA SER A 152 -9.77 26.49 14.17
C SER A 152 -8.65 27.49 13.84
N PHE A 153 -9.04 28.63 13.31
CA PHE A 153 -8.12 29.66 12.75
C PHE A 153 -8.47 31.04 13.32
N LEU A 154 -7.48 31.74 13.85
CA LEU A 154 -7.59 33.12 14.39
C LEU A 154 -6.77 34.06 13.51
N ASN A 155 -6.92 35.37 13.69
CA ASN A 155 -6.22 36.40 12.88
C ASN A 155 -4.73 36.08 12.88
N GLY A 156 -4.09 36.10 11.71
CA GLY A 156 -2.66 35.76 11.55
C GLY A 156 -2.44 34.28 11.23
N SER A 157 -3.49 33.47 11.02
CA SER A 157 -3.35 32.03 10.68
C SER A 157 -3.08 31.82 9.18
N SER A 158 -3.35 32.82 8.34
N SER A 158 -3.34 32.83 8.35
CA SER A 158 -3.20 32.69 6.87
CA SER A 158 -3.17 32.75 6.87
C SER A 158 -1.77 32.23 6.57
C SER A 158 -1.76 32.24 6.57
N GLY A 159 -1.62 31.36 5.58
CA GLY A 159 -0.35 30.71 5.23
C GLY A 159 -0.17 29.37 5.91
N SER A 160 -0.94 29.08 6.98
CA SER A 160 -1.04 27.73 7.59
C SER A 160 -1.42 26.73 6.50
N VAL A 161 -0.85 25.52 6.52
CA VAL A 161 -1.07 24.54 5.41
C VAL A 161 -1.73 23.29 5.94
N GLY A 162 -2.45 22.63 5.04
CA GLY A 162 -3.00 21.27 5.16
C GLY A 162 -2.15 20.29 4.38
N PHE A 163 -1.93 19.11 4.94
CA PHE A 163 -1.01 18.09 4.37
C PHE A 163 -1.51 16.68 4.70
N ASN A 164 -1.11 15.71 3.88
CA ASN A 164 -1.16 14.27 4.18
C ASN A 164 0.29 13.77 4.07
N ILE A 165 0.66 12.72 4.80
CA ILE A 165 2.03 12.13 4.69
C ILE A 165 1.90 10.66 4.28
N ASP A 166 2.63 10.29 3.21
CA ASP A 166 2.72 8.92 2.61
C ASP A 166 4.20 8.53 2.61
N TYR A 167 4.61 7.67 3.55
CA TYR A 167 6.00 7.18 3.77
C TYR A 167 6.86 8.32 4.34
N ASP A 168 7.54 9.11 3.49
CA ASP A 168 8.40 10.25 3.91
C ASP A 168 8.01 11.51 3.12
N CYS A 169 7.01 11.40 2.23
CA CYS A 169 6.64 12.44 1.25
C CYS A 169 5.43 13.23 1.78
N VAL A 170 5.58 14.56 1.88
CA VAL A 170 4.47 15.44 2.32
C VAL A 170 3.71 15.92 1.08
N SER A 171 2.44 15.57 1.01
CA SER A 171 1.46 16.11 0.03
C SER A 171 0.81 17.36 0.63
N PHE A 172 1.30 18.55 0.28
CA PHE A 172 0.66 19.85 0.62
C PHE A 172 -0.59 20.03 -0.25
N CYS A 173 -1.78 20.09 0.36
CA CYS A 173 -3.07 20.18 -0.38
C CYS A 173 -3.81 21.48 -0.09
N TYR A 174 -3.49 22.19 0.99
CA TYR A 174 -4.23 23.42 1.41
C TYR A 174 -3.26 24.48 1.93
N MET A 175 -3.53 25.73 1.55
CA MET A 175 -3.02 26.94 2.22
C MET A 175 -4.19 27.83 2.64
N HIS A 176 -4.25 28.19 3.92
CA HIS A 176 -5.36 28.98 4.50
C HIS A 176 -5.31 30.46 4.04
N HIS A 177 -6.43 31.03 3.58
CA HIS A 177 -6.52 32.46 3.14
C HIS A 177 -7.45 33.28 4.03
N MET A 178 -8.65 32.79 4.37
CA MET A 178 -9.71 33.64 4.96
C MET A 178 -10.80 32.85 5.67
N GLU A 179 -11.68 33.58 6.36
CA GLU A 179 -12.86 33.05 7.10
C GLU A 179 -14.12 33.66 6.51
N LEU A 180 -15.13 32.83 6.28
CA LEU A 180 -16.41 33.21 5.64
C LEU A 180 -17.36 33.60 6.77
N PRO A 181 -18.47 34.30 6.48
CA PRO A 181 -19.32 34.86 7.54
C PRO A 181 -19.80 33.80 8.55
N THR A 182 -20.10 32.59 8.09
CA THR A 182 -20.59 31.47 8.93
C THR A 182 -19.47 30.88 9.80
N GLY A 183 -18.25 31.41 9.72
CA GLY A 183 -17.13 30.99 10.58
C GLY A 183 -16.32 29.83 10.01
N VAL A 184 -16.70 29.31 8.84
CA VAL A 184 -15.92 28.27 8.11
C VAL A 184 -14.79 28.96 7.33
N HIS A 185 -13.88 28.15 6.80
CA HIS A 185 -12.56 28.61 6.27
C HIS A 185 -12.41 28.26 4.78
N ALA A 186 -11.71 29.11 4.05
CA ALA A 186 -11.52 29.02 2.58
C ALA A 186 -10.05 29.24 2.24
N GLY A 187 -9.55 28.56 1.21
CA GLY A 187 -8.12 28.54 0.90
C GLY A 187 -7.88 27.98 -0.49
N THR A 188 -6.62 27.76 -0.81
CA THR A 188 -6.13 27.40 -2.15
C THR A 188 -5.30 26.12 -2.01
N ASP A 189 -5.05 25.41 -3.11
CA ASP A 189 -3.94 24.42 -3.18
C ASP A 189 -2.64 25.24 -3.19
N LEU A 190 -1.51 24.56 -3.27
CA LEU A 190 -0.19 25.24 -3.23
C LEU A 190 0.18 25.73 -4.63
N GLU A 191 -0.69 25.53 -5.62
CA GLU A 191 -0.56 26.16 -6.96
C GLU A 191 -1.45 27.40 -7.00
N GLY A 192 -2.21 27.64 -5.94
CA GLY A 192 -2.84 28.92 -5.62
C GLY A 192 -4.23 29.04 -6.21
N ASN A 193 -4.83 27.93 -6.63
CA ASN A 193 -6.25 27.93 -7.04
C ASN A 193 -7.09 27.71 -5.79
N PHE A 194 -8.04 28.61 -5.58
CA PHE A 194 -9.08 28.46 -4.54
C PHE A 194 -9.75 27.10 -4.75
N TYR A 195 -10.01 26.42 -3.64
CA TYR A 195 -11.06 25.39 -3.58
C TYR A 195 -12.38 26.18 -3.44
N GLY A 196 -13.35 25.94 -4.32
CA GLY A 196 -14.68 26.58 -4.28
C GLY A 196 -14.70 27.89 -5.07
N PRO A 197 -15.83 28.63 -5.10
CA PRO A 197 -15.94 29.80 -5.97
C PRO A 197 -15.38 31.10 -5.35
N PHE A 198 -14.42 31.00 -4.43
CA PHE A 198 -13.94 32.13 -3.60
C PHE A 198 -12.84 32.94 -4.29
N VAL A 199 -12.84 34.24 -4.04
CA VAL A 199 -11.75 35.18 -4.47
C VAL A 199 -11.12 35.86 -3.25
N ASP A 200 -9.82 36.12 -3.35
CA ASP A 200 -9.03 36.84 -2.31
C ASP A 200 -9.16 38.34 -2.55
N ARG A 201 -10.40 38.84 -2.63
CA ARG A 201 -10.72 40.28 -2.46
C ARG A 201 -11.85 40.45 -1.44
N GLN A 202 -11.91 41.63 -0.84
CA GLN A 202 -12.86 41.99 0.24
C GLN A 202 -14.17 42.42 -0.44
N THR A 203 -14.97 41.45 -0.86
CA THR A 203 -16.38 41.59 -1.31
C THR A 203 -17.21 40.59 -0.50
N ALA A 204 -18.54 40.74 -0.55
CA ALA A 204 -19.51 39.80 0.02
C ALA A 204 -19.26 38.43 -0.62
N GLN A 205 -18.97 37.42 0.19
CA GLN A 205 -18.89 36.02 -0.28
C GLN A 205 -19.60 35.16 0.78
N ALA A 206 -20.06 33.97 0.43
CA ALA A 206 -20.78 33.08 1.36
C ALA A 206 -20.56 31.64 0.92
N ALA A 207 -20.27 30.76 1.87
CA ALA A 207 -20.30 29.29 1.69
C ALA A 207 -21.63 28.90 1.06
N GLY A 208 -21.59 27.97 0.11
CA GLY A 208 -22.81 27.33 -0.42
C GLY A 208 -23.44 26.43 0.63
N THR A 209 -24.59 25.84 0.29
CA THR A 209 -25.25 24.79 1.09
C THR A 209 -24.26 23.66 1.34
N ASP A 210 -24.01 23.36 2.61
CA ASP A 210 -23.21 22.19 3.03
C ASP A 210 -24.13 20.96 2.96
N THR A 211 -23.53 19.78 2.79
CA THR A 211 -24.16 18.46 2.91
C THR A 211 -23.25 17.61 3.80
N THR A 212 -23.78 16.53 4.38
CA THR A 212 -22.99 15.56 5.17
C THR A 212 -22.34 14.58 4.18
N ILE A 213 -21.09 14.22 4.43
CA ILE A 213 -20.31 13.30 3.53
C ILE A 213 -20.69 11.87 3.86
N THR A 214 -21.66 11.33 3.11
CA THR A 214 -22.32 10.01 3.32
C THR A 214 -21.29 8.88 3.39
N VAL A 215 -20.45 8.73 2.38
CA VAL A 215 -19.48 7.60 2.31
C VAL A 215 -18.63 7.58 3.60
N ASN A 216 -18.35 8.75 4.17
CA ASN A 216 -17.48 8.90 5.36
C ASN A 216 -18.27 8.48 6.59
N VAL A 217 -19.55 8.82 6.67
CA VAL A 217 -20.41 8.42 7.81
C VAL A 217 -20.51 6.90 7.85
N LEU A 218 -20.54 6.26 6.69
CA LEU A 218 -20.64 4.79 6.52
C LEU A 218 -19.29 4.15 6.89
N ALA A 219 -18.19 4.70 6.39
CA ALA A 219 -16.82 4.35 6.81
C ALA A 219 -16.75 4.39 8.33
N TRP A 220 -17.43 5.36 8.96
CA TRP A 220 -17.33 5.59 10.41
C TRP A 220 -18.19 4.56 11.15
N LEU A 221 -19.33 4.19 10.57
CA LEU A 221 -20.22 3.16 11.16
C LEU A 221 -19.47 1.82 11.18
N TYR A 222 -18.76 1.50 10.12
CA TYR A 222 -17.87 0.31 9.95
C TYR A 222 -16.79 0.27 11.04
N ALA A 223 -16.14 1.41 11.33
CA ALA A 223 -15.11 1.55 12.39
C ALA A 223 -15.69 1.25 13.77
N ALA A 224 -16.92 1.70 14.00
CA ALA A 224 -17.68 1.49 15.27
C ALA A 224 -17.90 -0.01 15.47
N VAL A 225 -18.32 -0.72 14.41
CA VAL A 225 -18.57 -2.18 14.46
C VAL A 225 -17.24 -2.92 14.70
N ILE A 226 -16.17 -2.54 14.00
CA ILE A 226 -14.84 -3.20 14.17
C ILE A 226 -14.41 -3.02 15.62
N ASN A 227 -14.69 -1.85 16.22
CA ASN A 227 -14.27 -1.50 17.60
C ASN A 227 -15.30 -2.00 18.62
N GLY A 228 -16.32 -2.76 18.20
CA GLY A 228 -17.21 -3.53 19.10
C GLY A 228 -18.67 -3.11 19.06
N ASP A 229 -19.03 -1.94 18.49
CA ASP A 229 -20.40 -1.36 18.55
C ASP A 229 -21.34 -2.06 17.54
N ARG A 230 -22.51 -2.52 17.97
N ARG A 230 -22.50 -2.52 17.99
CA ARG A 230 -23.50 -3.20 17.08
CA ARG A 230 -23.50 -3.26 17.15
C ARG A 230 -24.95 -2.72 17.30
C ARG A 230 -24.93 -2.71 17.30
N TRP A 231 -25.25 -1.95 18.35
CA TRP A 231 -26.66 -1.56 18.70
C TRP A 231 -27.44 -1.05 17.48
N PHE A 232 -26.80 -0.33 16.55
CA PHE A 232 -27.46 0.41 15.46
C PHE A 232 -27.61 -0.45 14.20
N LEU A 233 -27.18 -1.72 14.24
CA LEU A 233 -27.34 -2.65 13.09
C LEU A 233 -28.78 -3.15 13.06
N ASN A 234 -29.26 -3.49 11.86
CA ASN A 234 -30.61 -4.07 11.65
C ASN A 234 -30.51 -5.16 10.57
N ARG A 235 -31.47 -6.08 10.58
CA ARG A 235 -31.61 -7.20 9.60
C ARG A 235 -32.14 -6.70 8.25
N PHE A 236 -32.40 -5.39 8.12
CA PHE A 236 -32.96 -4.80 6.88
C PHE A 236 -31.82 -4.57 5.88
N THR A 237 -32.22 -4.17 4.67
CA THR A 237 -31.33 -3.72 3.58
C THR A 237 -32.14 -2.72 2.75
N THR A 238 -31.47 -1.91 1.93
CA THR A 238 -32.09 -0.86 1.07
C THR A 238 -31.47 -0.95 -0.31
N THR A 239 -32.13 -0.39 -1.32
CA THR A 239 -31.54 -0.18 -2.67
C THR A 239 -30.78 1.15 -2.61
N LEU A 240 -29.73 1.28 -3.41
CA LEU A 240 -29.02 2.57 -3.60
C LEU A 240 -30.05 3.71 -3.80
N ASN A 241 -31.14 3.46 -4.55
CA ASN A 241 -32.15 4.50 -4.87
C ASN A 241 -32.99 4.83 -3.64
N ASP A 242 -33.44 3.83 -2.88
CA ASP A 242 -34.33 4.05 -1.72
C ASP A 242 -33.57 4.85 -0.65
N PHE A 243 -32.30 4.54 -0.44
CA PHE A 243 -31.41 5.26 0.53
C PHE A 243 -31.27 6.73 0.10
N ASN A 244 -30.95 6.99 -1.17
CA ASN A 244 -30.67 8.35 -1.71
C ASN A 244 -31.90 9.25 -1.58
N LEU A 245 -33.11 8.69 -1.60
CA LEU A 245 -34.37 9.44 -1.31
C LEU A 245 -34.39 9.89 0.16
N VAL A 246 -33.86 9.07 1.08
CA VAL A 246 -33.68 9.45 2.51
C VAL A 246 -32.45 10.35 2.62
N ALA A 247 -31.36 10.04 1.91
CA ALA A 247 -30.14 10.87 1.88
C ALA A 247 -30.54 12.33 1.65
N MET A 248 -31.34 12.60 0.62
CA MET A 248 -31.71 13.97 0.19
C MET A 248 -32.52 14.67 1.29
N LYS A 249 -33.48 13.94 1.87
CA LYS A 249 -34.36 14.41 2.99
C LYS A 249 -33.48 15.06 4.06
N TYR A 250 -32.37 14.41 4.42
CA TYR A 250 -31.53 14.76 5.60
C TYR A 250 -30.25 15.48 5.17
N ASN A 251 -30.15 15.86 3.90
CA ASN A 251 -29.06 16.74 3.39
C ASN A 251 -27.72 16.02 3.47
N TYR A 252 -27.72 14.72 3.19
CA TYR A 252 -26.53 13.87 2.93
C TYR A 252 -26.20 13.93 1.43
N GLU A 253 -24.93 13.75 1.06
CA GLU A 253 -24.48 13.53 -0.35
C GLU A 253 -25.17 12.28 -0.88
N PRO A 254 -25.64 12.27 -2.15
CA PRO A 254 -26.01 11.02 -2.80
C PRO A 254 -24.86 10.01 -2.74
N LEU A 255 -25.19 8.74 -2.47
CA LEU A 255 -24.24 7.60 -2.48
C LEU A 255 -24.19 7.06 -3.90
N THR A 256 -22.99 6.73 -4.39
CA THR A 256 -22.72 6.25 -5.78
C THR A 256 -21.95 4.92 -5.71
N GLN A 257 -21.91 4.18 -6.83
CA GLN A 257 -21.25 2.85 -6.91
C GLN A 257 -19.76 2.98 -6.58
N ASP A 258 -19.12 4.10 -6.93
CA ASP A 258 -17.71 4.37 -6.53
C ASP A 258 -17.59 4.33 -5.01
N HIS A 259 -18.54 4.96 -4.31
CA HIS A 259 -18.61 4.97 -2.82
C HIS A 259 -18.81 3.54 -2.30
N VAL A 260 -19.79 2.82 -2.86
CA VAL A 260 -20.07 1.41 -2.48
C VAL A 260 -18.80 0.59 -2.75
N ASP A 261 -18.07 0.85 -3.85
CA ASP A 261 -16.83 0.10 -4.17
C ASP A 261 -15.76 0.39 -3.11
N ILE A 262 -15.59 1.65 -2.67
CA ILE A 262 -14.47 2.01 -1.75
C ILE A 262 -14.79 1.52 -0.33
N LEU A 263 -16.06 1.20 -0.02
CA LEU A 263 -16.47 0.62 1.29
C LEU A 263 -16.31 -0.90 1.29
N GLY A 264 -16.18 -1.52 0.11
CA GLY A 264 -16.09 -2.98 -0.10
C GLY A 264 -15.12 -3.65 0.86
N PRO A 265 -13.88 -3.12 1.03
CA PRO A 265 -12.92 -3.67 1.98
C PRO A 265 -13.44 -3.70 3.43
N LEU A 266 -14.11 -2.64 3.86
CA LEU A 266 -14.72 -2.58 5.22
C LEU A 266 -15.89 -3.56 5.25
N SER A 267 -16.68 -3.63 4.18
CA SER A 267 -17.80 -4.59 4.02
C SER A 267 -17.30 -6.02 4.23
N ALA A 268 -16.23 -6.43 3.52
CA ALA A 268 -15.62 -7.78 3.61
C ALA A 268 -15.19 -8.07 5.05
N GLN A 269 -14.40 -7.16 5.62
CA GLN A 269 -13.76 -7.34 6.95
C GLN A 269 -14.86 -7.63 8.00
N THR A 270 -16.07 -7.07 7.84
CA THR A 270 -17.13 -7.05 8.89
C THR A 270 -18.23 -8.07 8.53
N GLY A 271 -18.43 -8.33 7.24
CA GLY A 271 -19.49 -9.21 6.72
C GLY A 271 -20.85 -8.51 6.79
N ILE A 272 -20.82 -7.18 6.75
CA ILE A 272 -22.04 -6.32 6.66
C ILE A 272 -22.00 -5.65 5.29
N ALA A 273 -22.79 -6.17 4.34
CA ALA A 273 -22.96 -5.62 2.97
C ALA A 273 -23.17 -4.11 3.07
N VAL A 274 -22.82 -3.36 2.03
CA VAL A 274 -22.81 -1.87 2.11
C VAL A 274 -24.25 -1.34 2.19
N LEU A 275 -25.18 -2.02 1.53
CA LEU A 275 -26.60 -1.59 1.50
C LEU A 275 -27.26 -1.98 2.83
N ASP A 276 -26.68 -2.92 3.57
CA ASP A 276 -27.08 -3.21 4.98
C ASP A 276 -26.72 -2.02 5.85
N MET A 277 -25.45 -1.64 5.90
CA MET A 277 -24.99 -0.47 6.68
C MET A 277 -25.82 0.74 6.24
N CYS A 278 -26.13 0.87 4.95
CA CYS A 278 -27.00 1.96 4.43
C CYS A 278 -28.34 1.92 5.16
N ALA A 279 -28.89 0.72 5.41
CA ALA A 279 -30.16 0.55 6.14
C ALA A 279 -29.97 0.98 7.60
N SER A 280 -28.79 0.76 8.19
CA SER A 280 -28.50 1.24 9.57
C SER A 280 -28.58 2.77 9.58
N LEU A 281 -27.92 3.42 8.62
CA LEU A 281 -27.81 4.90 8.56
C LEU A 281 -29.20 5.53 8.39
N LYS A 282 -30.05 4.95 7.53
CA LYS A 282 -31.44 5.42 7.30
C LYS A 282 -32.19 5.45 8.64
N GLU A 283 -32.16 4.34 9.38
CA GLU A 283 -32.85 4.25 10.68
C GLU A 283 -32.23 5.29 11.62
N LEU A 284 -30.90 5.38 11.66
CA LEU A 284 -30.16 6.40 12.47
C LEU A 284 -30.60 7.82 12.10
N LEU A 285 -30.80 8.10 10.81
CA LEU A 285 -31.30 9.42 10.34
C LEU A 285 -32.77 9.61 10.76
N GLN A 286 -33.61 8.57 10.64
CA GLN A 286 -35.08 8.70 10.82
C GLN A 286 -35.47 8.64 12.31
N ASN A 287 -34.68 7.99 13.16
CA ASN A 287 -35.02 7.83 14.60
C ASN A 287 -34.13 8.76 15.44
N GLY A 288 -32.86 8.87 15.09
CA GLY A 288 -31.83 9.40 15.99
C GLY A 288 -31.24 8.26 16.80
N MET A 289 -30.35 8.59 17.74
CA MET A 289 -29.57 7.60 18.53
C MET A 289 -30.24 7.33 19.88
N ASN A 290 -31.08 8.26 20.36
CA ASN A 290 -31.93 8.08 21.58
C ASN A 290 -31.01 7.92 22.80
N GLY A 291 -30.19 8.94 23.08
CA GLY A 291 -29.34 8.98 24.29
C GLY A 291 -28.16 8.00 24.24
N ARG A 292 -27.94 7.33 23.09
CA ARG A 292 -26.80 6.37 22.90
C ARG A 292 -25.72 7.05 22.07
N THR A 293 -24.51 6.48 22.09
CA THR A 293 -23.33 7.10 21.44
C THR A 293 -22.67 6.08 20.50
N ILE A 294 -21.89 6.61 19.59
CA ILE A 294 -21.11 5.81 18.63
C ILE A 294 -19.72 6.41 18.64
N LEU A 295 -18.74 5.62 19.09
CA LEU A 295 -17.31 6.00 19.12
C LEU A 295 -17.17 7.36 19.80
N GLY A 296 -17.86 7.52 20.92
CA GLY A 296 -17.71 8.68 21.83
C GLY A 296 -18.34 9.95 21.28
N SER A 297 -19.33 9.82 20.39
CA SER A 297 -19.98 10.95 19.67
C SER A 297 -21.50 10.77 19.67
N ALA A 298 -22.29 11.84 19.86
CA ALA A 298 -23.77 11.77 19.78
C ALA A 298 -24.26 12.26 18.42
N LEU A 299 -23.34 12.67 17.54
CA LEU A 299 -23.62 13.03 16.12
C LEU A 299 -23.04 11.96 15.21
N LEU A 300 -23.57 11.86 14.00
CA LEU A 300 -23.03 11.00 12.92
C LEU A 300 -21.80 11.72 12.36
N GLU A 301 -20.63 11.07 12.45
CA GLU A 301 -19.31 11.66 12.20
C GLU A 301 -19.00 11.49 10.72
N ASP A 302 -18.56 12.54 10.01
CA ASP A 302 -18.36 12.46 8.53
C ASP A 302 -16.98 12.97 8.10
N GLU A 303 -15.99 13.07 9.01
CA GLU A 303 -14.62 13.55 8.65
C GLU A 303 -13.59 12.39 8.79
N PHE A 304 -14.04 11.15 8.65
CA PHE A 304 -13.19 9.94 8.50
C PHE A 304 -13.48 9.27 7.14
N THR A 305 -12.49 9.26 6.22
CA THR A 305 -12.62 8.55 4.92
C THR A 305 -12.49 7.04 5.17
N PRO A 306 -12.94 6.19 4.23
CA PRO A 306 -12.65 4.75 4.31
C PRO A 306 -11.16 4.44 4.52
N PHE A 307 -10.30 5.16 3.80
CA PHE A 307 -8.82 5.08 3.93
C PHE A 307 -8.44 5.28 5.40
N ASP A 308 -9.00 6.33 6.03
CA ASP A 308 -8.65 6.76 7.40
C ASP A 308 -9.09 5.68 8.40
N VAL A 309 -10.21 5.01 8.12
CA VAL A 309 -10.71 3.89 8.98
C VAL A 309 -9.72 2.73 8.89
N VAL A 310 -9.26 2.39 7.68
CA VAL A 310 -8.35 1.21 7.46
C VAL A 310 -6.96 1.54 8.04
N ARG A 311 -6.50 2.79 7.95
CA ARG A 311 -5.20 3.23 8.56
C ARG A 311 -5.16 2.85 10.05
N GLN A 312 -6.27 3.01 10.79
CA GLN A 312 -6.37 2.79 12.26
C GLN A 312 -6.95 1.41 12.57
N CYS A 313 -7.73 0.83 11.67
CA CYS A 313 -8.34 -0.50 11.90
C CYS A 313 -7.46 -1.59 11.25
N SER A 314 -6.79 -1.28 10.14
CA SER A 314 -5.70 -2.12 9.58
C SER A 314 -6.20 -3.58 9.44
N GLY A 315 -7.45 -3.76 9.00
CA GLY A 315 -8.04 -5.11 8.88
C GLY A 315 -7.39 -5.93 7.78
N VAL A 316 -7.51 -7.25 7.85
CA VAL A 316 -7.16 -8.20 6.74
C VAL A 316 -8.42 -8.41 5.91
N THR A 317 -8.25 -8.65 4.60
CA THR A 317 -9.32 -9.06 3.64
C THR A 317 -9.06 -10.51 3.21
N PHE A 318 -9.84 -11.45 3.74
CA PHE A 318 -9.70 -12.90 3.41
C PHE A 318 -10.23 -13.12 1.99
N GLN A 319 -9.51 -13.91 1.19
CA GLN A 319 -9.76 -14.07 -0.27
C GLN A 319 -10.21 -15.51 -0.51
N SER B 14 -12.13 31.93 14.05
CA SER B 14 -13.15 31.20 14.85
C SER B 14 -13.11 29.70 14.50
N GLY B 15 -13.88 28.88 15.22
CA GLY B 15 -13.83 27.41 15.18
C GLY B 15 -13.15 26.87 16.41
N PHE B 16 -13.42 25.61 16.76
CA PHE B 16 -12.82 24.90 17.92
C PHE B 16 -12.61 23.44 17.52
N ARG B 17 -11.36 22.97 17.58
CA ARG B 17 -10.99 21.59 17.19
C ARG B 17 -10.30 20.94 18.38
N LYS B 18 -10.40 19.62 18.50
CA LYS B 18 -9.52 18.83 19.39
C LYS B 18 -8.11 18.88 18.78
N MET B 19 -7.24 19.67 19.40
CA MET B 19 -5.95 20.11 18.82
C MET B 19 -4.79 19.44 19.58
N ALA B 20 -3.90 18.76 18.86
CA ALA B 20 -2.69 18.13 19.44
C ALA B 20 -1.55 19.15 19.43
N PHE B 21 -0.51 18.95 20.23
CA PHE B 21 0.68 19.82 20.20
C PHE B 21 1.40 19.54 18.89
N PRO B 22 2.20 20.48 18.37
CA PRO B 22 3.08 20.16 17.26
C PRO B 22 4.09 19.11 17.75
N SER B 23 4.38 18.08 16.94
CA SER B 23 5.03 16.81 17.37
C SER B 23 6.50 16.74 16.97
N GLY B 24 6.98 17.65 16.11
CA GLY B 24 8.32 17.61 15.49
C GLY B 24 9.44 17.39 16.49
N LYS B 25 9.36 18.00 17.68
CA LYS B 25 10.41 17.86 18.70
C LYS B 25 10.47 16.38 19.13
N VAL B 26 9.33 15.72 19.32
CA VAL B 26 9.26 14.32 19.82
C VAL B 26 9.58 13.35 18.67
N GLU B 27 9.27 13.69 17.41
CA GLU B 27 9.53 12.81 16.22
C GLU B 27 11.03 12.51 16.07
N GLY B 28 11.91 13.48 16.31
CA GLY B 28 13.36 13.29 16.22
C GLY B 28 13.93 12.43 17.34
N CYS B 29 13.12 11.99 18.31
CA CYS B 29 13.57 11.17 19.46
C CYS B 29 13.11 9.71 19.33
N MET B 30 12.17 9.41 18.43
CA MET B 30 11.59 8.04 18.30
C MET B 30 12.58 7.13 17.56
N VAL B 31 12.84 5.95 18.11
CA VAL B 31 13.70 4.88 17.52
C VAL B 31 12.98 3.53 17.63
N GLN B 32 13.44 2.56 16.83
CA GLN B 32 12.95 1.15 16.83
C GLN B 32 13.88 0.35 17.73
N VAL B 33 13.35 -0.23 18.80
CA VAL B 33 14.07 -1.21 19.66
C VAL B 33 13.59 -2.62 19.28
N THR B 34 14.55 -3.54 19.11
CA THR B 34 14.37 -4.98 18.76
C THR B 34 15.20 -5.85 19.70
N CYS B 35 14.56 -6.86 20.32
CA CYS B 35 15.17 -8.03 21.01
C CYS B 35 14.77 -9.31 20.28
N GLY B 36 15.72 -10.05 19.70
CA GLY B 36 15.41 -11.23 18.88
C GLY B 36 14.43 -10.88 17.78
N THR B 37 13.17 -11.35 17.89
CA THR B 37 12.07 -11.01 16.94
C THR B 37 11.10 -10.00 17.57
N THR B 38 11.17 -9.75 18.88
CA THR B 38 10.33 -8.75 19.60
C THR B 38 10.80 -7.34 19.23
N THR B 39 9.89 -6.48 18.74
CA THR B 39 10.17 -5.10 18.29
C THR B 39 9.14 -4.14 18.91
N LEU B 40 9.60 -2.98 19.37
CA LEU B 40 8.71 -1.86 19.79
C LEU B 40 9.46 -0.54 19.61
N ASN B 41 8.96 0.55 20.21
CA ASN B 41 9.53 1.90 20.00
C ASN B 41 10.24 2.32 21.28
N GLY B 42 11.25 3.16 21.11
CA GLY B 42 11.94 3.81 22.22
C GLY B 42 12.07 5.30 21.98
N LEU B 43 12.41 6.01 23.05
CA LEU B 43 12.57 7.48 23.12
C LEU B 43 14.05 7.76 23.34
N TRP B 44 14.72 8.28 22.31
CA TRP B 44 16.16 8.63 22.31
C TRP B 44 16.33 10.07 22.81
N LEU B 45 16.66 10.20 24.10
CA LEU B 45 17.03 11.49 24.75
C LEU B 45 18.51 11.46 25.16
N ASP B 46 19.32 12.35 24.57
CA ASP B 46 20.79 12.40 24.75
C ASP B 46 21.33 11.00 24.42
N ASP B 47 22.07 10.36 25.32
CA ASP B 47 22.73 9.06 25.02
C ASP B 47 21.99 7.92 25.74
N VAL B 48 20.70 8.09 26.03
CA VAL B 48 19.83 7.02 26.63
C VAL B 48 18.63 6.79 25.70
N VAL B 49 18.25 5.53 25.53
CA VAL B 49 16.99 5.08 24.84
C VAL B 49 16.13 4.38 25.88
N TYR B 50 14.98 5.00 26.22
CA TYR B 50 13.97 4.47 27.17
C TYR B 50 12.96 3.68 26.36
N CYS B 51 12.48 2.55 26.89
CA CYS B 51 11.47 1.68 26.22
C CYS B 51 10.87 0.74 27.24
N PRO B 52 9.66 0.17 26.97
CA PRO B 52 9.04 -0.78 27.89
C PRO B 52 9.90 -2.04 28.01
N ARG B 53 9.92 -2.63 29.20
CA ARG B 53 10.82 -3.76 29.51
C ARG B 53 10.36 -5.04 28.80
N HIS B 54 9.10 -5.13 28.36
CA HIS B 54 8.52 -6.37 27.77
C HIS B 54 9.03 -6.56 26.34
N VAL B 55 9.90 -5.67 25.86
CA VAL B 55 10.69 -5.89 24.61
C VAL B 55 11.59 -7.13 24.79
N ILE B 56 11.94 -7.51 26.03
CA ILE B 56 12.83 -8.68 26.35
C ILE B 56 11.99 -9.97 26.43
N CYS B 57 10.68 -9.90 26.18
CA CYS B 57 9.77 -11.08 26.20
C CYS B 57 9.62 -11.67 24.79
N THR B 58 9.52 -13.00 24.72
CA THR B 58 8.96 -13.79 23.60
C THR B 58 7.46 -13.96 23.89
N SER B 59 6.65 -14.25 22.87
CA SER B 59 5.17 -14.38 22.94
C SER B 59 4.72 -15.32 24.07
N GLU B 60 5.54 -16.30 24.45
CA GLU B 60 5.22 -17.33 25.49
C GLU B 60 5.73 -16.88 26.88
N ASP B 61 6.45 -15.76 26.96
CA ASP B 61 6.96 -15.18 28.25
C ASP B 61 5.91 -14.25 28.88
N MET B 62 4.83 -13.96 28.14
CA MET B 62 3.96 -12.77 28.38
C MET B 62 2.99 -13.01 29.55
N LEU B 63 2.78 -14.26 29.98
CA LEU B 63 1.74 -14.61 30.98
C LEU B 63 2.12 -14.04 32.35
N ASN B 64 3.35 -14.26 32.80
CA ASN B 64 3.92 -13.66 34.04
C ASN B 64 5.44 -13.73 33.95
N PRO B 65 6.06 -12.85 33.12
CA PRO B 65 7.51 -12.88 32.91
C PRO B 65 8.31 -12.54 34.17
N ASN B 66 9.43 -13.23 34.38
CA ASN B 66 10.42 -12.89 35.44
C ASN B 66 11.44 -11.94 34.81
N TYR B 67 11.08 -10.65 34.75
CA TYR B 67 11.85 -9.58 34.10
C TYR B 67 13.32 -9.63 34.57
N GLU B 68 13.54 -9.76 35.87
CA GLU B 68 14.88 -9.77 36.50
C GLU B 68 15.73 -10.86 35.84
N ASP B 69 15.20 -12.08 35.74
CA ASP B 69 15.88 -13.27 35.14
C ASP B 69 16.11 -13.02 33.64
N LEU B 70 15.05 -12.67 32.89
CA LEU B 70 15.09 -12.46 31.42
C LEU B 70 16.18 -11.43 31.07
N LEU B 71 16.38 -10.41 31.91
CA LEU B 71 17.37 -9.32 31.62
C LEU B 71 18.80 -9.84 31.83
N ILE B 72 19.09 -10.47 32.98
CA ILE B 72 20.41 -11.11 33.26
C ILE B 72 20.88 -11.87 32.01
N ARG B 73 19.94 -12.49 31.28
CA ARG B 73 20.21 -13.31 30.07
C ARG B 73 20.57 -12.45 28.86
N LYS B 74 20.36 -11.13 28.91
CA LYS B 74 20.55 -10.21 27.76
C LYS B 74 21.93 -9.59 27.84
N SER B 75 22.53 -9.30 26.68
CA SER B 75 23.78 -8.50 26.52
C SER B 75 23.49 -7.31 25.61
N ASN B 76 24.39 -6.33 25.60
CA ASN B 76 24.21 -5.05 24.87
C ASN B 76 23.94 -5.37 23.40
N HIS B 77 24.60 -6.42 22.87
CA HIS B 77 24.62 -6.81 21.43
C HIS B 77 23.27 -7.40 20.99
N ASN B 78 22.43 -7.84 21.95
CA ASN B 78 21.06 -8.37 21.70
C ASN B 78 20.08 -7.23 21.33
N PHE B 79 20.27 -6.04 21.90
CA PHE B 79 19.39 -4.86 21.71
C PHE B 79 19.79 -4.14 20.42
N LEU B 80 19.01 -4.33 19.35
CA LEU B 80 19.24 -3.66 18.06
C LEU B 80 18.35 -2.41 18.03
N VAL B 81 18.99 -1.25 17.87
CA VAL B 81 18.36 0.09 17.98
C VAL B 81 18.60 0.78 16.65
N GLN B 82 17.52 1.18 15.98
CA GLN B 82 17.56 1.92 14.69
C GLN B 82 16.82 3.23 14.90
N ALA B 83 17.50 4.34 14.59
CA ALA B 83 16.96 5.70 14.43
C ALA B 83 16.91 5.99 12.93
N GLY B 84 15.72 5.93 12.32
CA GLY B 84 15.56 5.91 10.86
C GLY B 84 16.45 4.84 10.25
N ASN B 85 17.22 5.19 9.22
CA ASN B 85 18.20 4.26 8.55
C ASN B 85 19.40 4.01 9.48
N VAL B 86 19.77 4.96 10.34
CA VAL B 86 21.04 4.92 11.14
C VAL B 86 20.91 3.88 12.27
N GLN B 87 21.97 3.08 12.45
CA GLN B 87 22.12 2.04 13.51
C GLN B 87 22.83 2.68 14.71
N LEU B 88 22.36 2.38 15.93
CA LEU B 88 22.85 2.91 17.23
C LEU B 88 23.42 1.74 18.05
N ARG B 89 24.69 1.82 18.42
CA ARG B 89 25.36 0.80 19.27
C ARG B 89 24.94 1.01 20.72
N VAL B 90 24.29 0.00 21.30
CA VAL B 90 23.99 -0.08 22.76
C VAL B 90 25.30 -0.42 23.48
N ILE B 91 25.61 0.27 24.59
CA ILE B 91 26.90 0.12 25.32
C ILE B 91 26.64 -0.08 26.82
N GLY B 92 25.41 -0.37 27.20
CA GLY B 92 24.98 -0.42 28.61
C GLY B 92 23.48 -0.60 28.68
N HIS B 93 22.99 -1.30 29.70
CA HIS B 93 21.56 -1.66 29.86
C HIS B 93 21.24 -1.79 31.35
N SER B 94 20.11 -1.23 31.75
CA SER B 94 19.54 -1.40 33.12
C SER B 94 18.01 -1.34 33.01
N MET B 95 17.33 -1.61 34.11
CA MET B 95 15.85 -1.62 34.21
C MET B 95 15.45 -0.74 35.39
N GLN B 96 14.56 0.23 35.18
CA GLN B 96 13.91 1.05 36.24
C GLN B 96 12.40 0.80 36.17
N ASN B 97 11.88 0.01 37.10
CA ASN B 97 10.44 -0.32 37.16
C ASN B 97 10.09 -1.06 35.87
N CYS B 98 9.24 -0.50 35.01
CA CYS B 98 8.80 -1.17 33.76
C CYS B 98 9.44 -0.57 32.51
N VAL B 99 10.55 0.16 32.65
CA VAL B 99 11.34 0.65 31.50
C VAL B 99 12.74 0.03 31.52
N LEU B 100 13.29 -0.22 30.33
CA LEU B 100 14.74 -0.39 30.05
C LEU B 100 15.31 0.99 29.76
N LYS B 101 16.50 1.29 30.27
CA LYS B 101 17.36 2.41 29.78
C LYS B 101 18.55 1.78 29.07
N LEU B 102 18.67 2.02 27.76
CA LEU B 102 19.77 1.49 26.93
C LEU B 102 20.75 2.63 26.66
N LYS B 103 21.87 2.68 27.37
CA LYS B 103 22.95 3.64 27.07
C LYS B 103 23.43 3.31 25.66
N VAL B 104 23.53 4.30 24.79
CA VAL B 104 24.06 4.13 23.40
C VAL B 104 25.29 5.02 23.30
N ASP B 105 26.08 4.85 22.23
CA ASP B 105 27.42 5.46 22.12
C ASP B 105 27.30 6.87 21.52
N THR B 106 26.13 7.24 20.99
CA THR B 106 25.85 8.56 20.34
C THR B 106 24.75 9.29 21.13
N ALA B 107 24.98 10.56 21.48
CA ALA B 107 23.92 11.47 22.01
C ALA B 107 23.01 11.87 20.85
N ASN B 108 21.70 11.85 21.03
CA ASN B 108 20.74 12.38 20.03
C ASN B 108 20.97 13.89 19.85
N PRO B 109 21.47 14.36 18.70
CA PRO B 109 21.69 15.80 18.50
C PRO B 109 20.38 16.60 18.41
N LYS B 110 19.23 15.92 18.28
CA LYS B 110 17.90 16.58 18.18
C LYS B 110 17.13 16.39 19.49
N THR B 111 17.82 16.01 20.57
CA THR B 111 17.23 16.02 21.94
C THR B 111 16.66 17.41 22.15
N PRO B 112 15.34 17.57 22.37
CA PRO B 112 14.79 18.87 22.78
C PRO B 112 15.04 19.09 24.27
N LYS B 113 15.02 20.34 24.74
CA LYS B 113 14.84 20.61 26.19
C LYS B 113 13.61 19.80 26.63
N TYR B 114 13.74 19.01 27.68
CA TYR B 114 12.65 18.12 28.12
C TYR B 114 12.69 17.86 29.62
N LYS B 115 11.57 17.36 30.16
CA LYS B 115 11.46 16.81 31.52
C LYS B 115 10.51 15.60 31.50
N PHE B 116 10.53 14.80 32.58
CA PHE B 116 9.60 13.69 32.85
C PHE B 116 8.64 14.14 33.95
N VAL B 117 7.35 14.10 33.69
CA VAL B 117 6.32 14.51 34.67
C VAL B 117 5.34 13.36 34.83
N ARG B 118 4.93 13.07 36.06
CA ARG B 118 3.77 12.18 36.32
C ARG B 118 2.54 13.09 36.42
N ILE B 119 1.59 12.97 35.48
CA ILE B 119 0.41 13.88 35.38
C ILE B 119 -0.74 13.28 36.20
N GLN B 120 -1.74 14.11 36.48
CA GLN B 120 -2.88 13.79 37.37
C GLN B 120 -4.04 13.34 36.50
N PRO B 121 -4.95 12.49 37.01
CA PRO B 121 -6.15 12.11 36.25
C PRO B 121 -6.92 13.37 35.87
N GLY B 122 -7.47 13.40 34.67
CA GLY B 122 -8.19 14.57 34.11
C GLY B 122 -7.27 15.52 33.36
N GLN B 123 -5.95 15.32 33.40
CA GLN B 123 -4.97 16.10 32.58
C GLN B 123 -4.94 15.54 31.15
N THR B 124 -4.74 16.41 30.16
CA THR B 124 -4.65 16.02 28.74
C THR B 124 -3.18 15.98 28.34
N PHE B 125 -2.93 15.31 27.23
CA PHE B 125 -1.61 15.25 26.56
C PHE B 125 -1.84 14.76 25.14
N SER B 126 -0.85 14.99 24.29
CA SER B 126 -0.77 14.55 22.88
C SER B 126 -0.03 13.21 22.85
N VAL B 127 -0.58 12.24 22.14
CA VAL B 127 0.00 10.90 21.88
C VAL B 127 0.65 10.96 20.51
N LEU B 128 1.93 10.66 20.39
CA LEU B 128 2.53 10.33 19.08
C LEU B 128 2.53 8.80 18.96
N ALA B 129 1.52 8.22 18.29
CA ALA B 129 1.48 6.80 17.90
C ALA B 129 2.62 6.53 16.92
N CYS B 130 3.49 5.56 17.21
CA CYS B 130 4.66 5.15 16.39
C CYS B 130 4.61 3.64 16.13
N TYR B 131 5.09 3.22 14.97
CA TYR B 131 5.23 1.79 14.58
C TYR B 131 6.62 1.62 13.95
N ASN B 132 7.37 0.63 14.41
CA ASN B 132 8.72 0.35 13.84
C ASN B 132 9.59 1.60 13.98
N GLY B 133 9.48 2.34 15.08
CA GLY B 133 10.31 3.52 15.40
C GLY B 133 9.98 4.72 14.54
N SER B 134 8.85 4.68 13.82
CA SER B 134 8.42 5.71 12.84
C SER B 134 7.07 6.30 13.26
N PRO B 135 7.01 7.60 13.64
CA PRO B 135 5.72 8.26 13.87
C PRO B 135 4.71 8.05 12.73
N SER B 136 3.50 7.63 13.07
CA SER B 136 2.37 7.38 12.13
C SER B 136 1.23 8.38 12.35
N GLY B 137 1.00 8.81 13.60
CA GLY B 137 -0.14 9.71 13.91
C GLY B 137 -0.01 10.39 15.26
N VAL B 138 -0.83 11.43 15.47
CA VAL B 138 -0.81 12.30 16.68
C VAL B 138 -2.25 12.70 17.02
N TYR B 139 -2.63 12.57 18.28
CA TYR B 139 -3.98 12.90 18.79
C TYR B 139 -3.91 13.27 20.26
N GLN B 140 -4.93 14.01 20.70
CA GLN B 140 -5.07 14.54 22.06
C GLN B 140 -5.79 13.48 22.90
N CYS B 141 -5.37 13.31 24.15
CA CYS B 141 -5.87 12.29 25.11
C CYS B 141 -5.98 12.90 26.51
N ALA B 142 -6.78 12.27 27.37
CA ALA B 142 -6.83 12.56 28.82
C ALA B 142 -6.51 11.28 29.60
N MET B 143 -5.76 11.42 30.69
CA MET B 143 -5.71 10.43 31.78
C MET B 143 -7.10 10.42 32.40
N ARG B 144 -7.89 9.37 32.15
CA ARG B 144 -9.23 9.17 32.76
C ARG B 144 -9.05 9.07 34.27
N PRO B 145 -10.09 9.38 35.09
CA PRO B 145 -10.04 9.11 36.53
C PRO B 145 -9.72 7.66 36.98
N ASN B 146 -10.01 6.66 36.14
CA ASN B 146 -9.73 5.23 36.42
C ASN B 146 -8.33 4.85 35.91
N PHE B 147 -7.52 5.84 35.49
CA PHE B 147 -6.07 5.72 35.19
C PHE B 147 -5.82 5.01 33.86
N THR B 148 -6.80 5.03 32.95
CA THR B 148 -6.69 4.50 31.58
C THR B 148 -6.81 5.66 30.60
N ILE B 149 -6.38 5.50 29.34
CA ILE B 149 -6.64 6.48 28.25
C ILE B 149 -7.47 5.77 27.17
N LYS B 150 -8.27 6.51 26.41
CA LYS B 150 -9.05 5.97 25.27
C LYS B 150 -8.25 6.27 24.00
N GLY B 151 -7.30 5.40 23.67
CA GLY B 151 -6.34 5.62 22.58
C GLY B 151 -6.74 4.91 21.31
N SER B 152 -5.86 5.00 20.32
CA SER B 152 -5.88 4.20 19.08
C SER B 152 -4.47 3.65 18.93
N PHE B 153 -4.31 2.36 19.28
CA PHE B 153 -3.01 1.66 19.32
C PHE B 153 -3.21 0.24 18.81
N LEU B 154 -2.37 -0.17 17.86
CA LEU B 154 -2.27 -1.52 17.29
C LEU B 154 -1.00 -2.17 17.85
N ASN B 155 -0.86 -3.48 17.72
CA ASN B 155 0.40 -4.20 18.06
C ASN B 155 1.58 -3.48 17.43
N GLY B 156 2.64 -3.26 18.21
CA GLY B 156 3.88 -2.55 17.82
C GLY B 156 3.90 -1.12 18.32
N SER B 157 2.76 -0.63 18.84
CA SER B 157 2.61 0.76 19.35
C SER B 157 3.28 0.93 20.72
N SER B 158 3.61 -0.16 21.42
CA SER B 158 4.34 -0.16 22.71
C SER B 158 5.56 0.77 22.59
N GLY B 159 5.76 1.66 23.57
CA GLY B 159 6.88 2.64 23.55
C GLY B 159 6.48 4.00 22.96
N SER B 160 5.32 4.11 22.31
CA SER B 160 4.74 5.42 21.87
C SER B 160 4.64 6.30 23.10
N VAL B 161 4.79 7.61 22.95
CA VAL B 161 4.81 8.50 24.14
C VAL B 161 3.68 9.53 24.05
N GLY B 162 3.11 9.86 25.22
CA GLY B 162 2.24 11.03 25.44
C GLY B 162 3.05 12.18 26.00
N PHE B 163 2.78 13.41 25.60
CA PHE B 163 3.60 14.60 25.97
C PHE B 163 2.77 15.89 25.92
N ASN B 164 3.22 16.87 26.68
CA ASN B 164 2.76 18.28 26.63
C ASN B 164 3.97 19.12 26.19
N ILE B 165 3.71 20.29 25.65
CA ILE B 165 4.74 21.38 25.55
C ILE B 165 4.37 22.42 26.59
N ASP B 166 5.22 22.55 27.61
CA ASP B 166 5.19 23.60 28.65
C ASP B 166 6.21 24.67 28.22
N TYR B 167 5.71 25.73 27.56
CA TYR B 167 6.48 26.87 26.99
C TYR B 167 7.51 26.38 25.96
N ASP B 168 8.72 26.01 26.42
CA ASP B 168 9.88 25.72 25.54
C ASP B 168 10.37 24.29 25.80
N CYS B 169 9.68 23.54 26.66
CA CYS B 169 10.17 22.28 27.28
C CYS B 169 9.14 21.18 26.97
N VAL B 170 9.60 20.07 26.42
CA VAL B 170 8.75 18.88 26.17
C VAL B 170 8.58 18.15 27.50
N SER B 171 7.35 18.09 28.02
CA SER B 171 6.97 17.30 29.21
C SER B 171 6.45 15.93 28.79
N PHE B 172 7.30 14.91 28.89
CA PHE B 172 6.96 13.49 28.62
C PHE B 172 6.17 12.94 29.81
N CYS B 173 4.93 12.49 29.59
CA CYS B 173 4.06 12.03 30.71
C CYS B 173 3.53 10.61 30.49
N TYR B 174 3.75 9.99 29.33
CA TYR B 174 3.16 8.66 29.01
C TYR B 174 4.08 7.89 28.09
N MET B 175 4.36 6.64 28.45
CA MET B 175 4.85 5.63 27.49
C MET B 175 3.81 4.52 27.39
N HIS B 176 3.49 4.07 26.17
CA HIS B 176 2.41 3.08 25.92
C HIS B 176 2.94 1.67 26.15
N HIS B 177 2.23 0.86 26.95
CA HIS B 177 2.54 -0.57 27.22
C HIS B 177 1.46 -1.50 26.64
N MET B 178 0.18 -1.32 26.99
CA MET B 178 -0.79 -2.43 26.81
C MET B 178 -2.20 -1.94 26.49
N GLU B 179 -3.00 -2.82 25.89
CA GLU B 179 -4.47 -2.66 25.72
C GLU B 179 -5.18 -3.61 26.69
N LEU B 180 -6.10 -3.05 27.48
CA LEU B 180 -6.99 -3.79 28.39
C LEU B 180 -8.11 -4.43 27.58
N PRO B 181 -8.81 -5.45 28.15
CA PRO B 181 -9.87 -6.17 27.43
C PRO B 181 -10.99 -5.30 26.86
N THR B 182 -11.41 -4.26 27.60
CA THR B 182 -12.50 -3.30 27.24
C THR B 182 -12.06 -2.38 26.08
N GLY B 183 -10.81 -2.45 25.65
CA GLY B 183 -10.29 -1.66 24.52
C GLY B 183 -9.68 -0.33 24.96
N VAL B 184 -9.51 -0.09 26.27
CA VAL B 184 -8.87 1.14 26.78
C VAL B 184 -7.38 0.85 27.06
N HIS B 185 -6.58 1.88 27.23
CA HIS B 185 -5.10 1.75 27.10
C HIS B 185 -4.46 2.07 28.44
N ALA B 186 -3.32 1.45 28.71
CA ALA B 186 -2.59 1.52 29.98
C ALA B 186 -1.10 1.62 29.70
N GLY B 187 -0.39 2.39 30.53
CA GLY B 187 1.03 2.64 30.36
C GLY B 187 1.65 3.30 31.56
N THR B 188 2.87 3.78 31.39
CA THR B 188 3.72 4.26 32.51
C THR B 188 4.00 5.75 32.34
N ASP B 189 4.48 6.39 33.41
CA ASP B 189 5.34 7.59 33.30
C ASP B 189 6.68 7.14 32.73
N LEU B 190 7.57 8.08 32.48
CA LEU B 190 8.84 7.83 31.77
C LEU B 190 9.87 7.26 32.77
N GLU B 191 9.49 7.13 34.04
CA GLU B 191 10.29 6.47 35.11
C GLU B 191 9.74 5.06 35.36
N GLY B 192 8.98 4.53 34.39
CA GLY B 192 8.55 3.12 34.33
C GLY B 192 7.51 2.75 35.37
N ASN B 193 6.84 3.71 36.01
CA ASN B 193 5.75 3.44 36.99
C ASN B 193 4.41 3.54 36.27
N PHE B 194 3.49 2.61 36.57
CA PHE B 194 2.17 2.48 35.90
C PHE B 194 1.24 3.55 36.46
N TYR B 195 0.46 4.17 35.56
CA TYR B 195 -0.77 4.90 35.95
C TYR B 195 -1.82 3.83 36.26
N GLY B 196 -2.37 3.86 37.47
CA GLY B 196 -3.42 2.93 37.95
C GLY B 196 -2.81 1.69 38.58
N PRO B 197 -3.62 0.62 38.77
CA PRO B 197 -3.16 -0.59 39.45
C PRO B 197 -2.64 -1.69 38.51
N PHE B 198 -2.15 -1.32 37.33
CA PHE B 198 -1.95 -2.22 36.18
C PHE B 198 -0.50 -2.70 36.13
N VAL B 199 -0.30 -3.94 35.69
CA VAL B 199 1.03 -4.62 35.62
C VAL B 199 1.27 -5.05 34.17
N ASP B 200 2.55 -5.15 33.75
CA ASP B 200 2.91 -5.49 32.35
C ASP B 200 2.93 -7.03 32.21
N ARG B 201 1.75 -7.65 32.40
CA ARG B 201 1.44 -9.09 32.20
C ARG B 201 0.20 -9.23 31.29
N GLN B 202 0.20 -10.19 30.36
CA GLN B 202 -0.98 -10.53 29.51
C GLN B 202 -1.96 -11.40 30.32
N THR B 203 -2.62 -10.78 31.30
CA THR B 203 -3.59 -11.38 32.27
C THR B 203 -4.94 -10.68 32.13
N ALA B 204 -5.97 -11.16 32.83
CA ALA B 204 -7.36 -10.65 32.74
C ALA B 204 -7.54 -9.45 33.67
N GLN B 205 -6.92 -8.31 33.34
CA GLN B 205 -6.96 -7.09 34.21
C GLN B 205 -8.13 -6.19 33.80
N ALA B 206 -8.87 -5.67 34.79
CA ALA B 206 -10.07 -4.83 34.61
C ALA B 206 -9.78 -3.40 35.06
N ALA B 207 -10.30 -2.42 34.31
CA ALA B 207 -10.36 -0.99 34.69
C ALA B 207 -11.40 -0.80 35.80
N GLY B 208 -11.20 0.19 36.66
CA GLY B 208 -12.19 0.62 37.68
C GLY B 208 -13.29 1.51 37.11
N THR B 209 -14.23 1.95 37.96
CA THR B 209 -15.42 2.75 37.60
C THR B 209 -14.97 4.12 37.07
N ASP B 210 -15.28 4.42 35.80
CA ASP B 210 -14.87 5.70 35.17
C ASP B 210 -15.84 6.81 35.61
N THR B 211 -15.46 8.06 35.31
CA THR B 211 -16.12 9.30 35.78
C THR B 211 -15.80 10.40 34.77
N THR B 212 -16.73 11.33 34.57
CA THR B 212 -16.56 12.54 33.72
C THR B 212 -15.70 13.54 34.50
N ILE B 213 -14.77 14.20 33.81
CA ILE B 213 -13.86 15.22 34.42
C ILE B 213 -14.60 16.57 34.43
N THR B 214 -15.30 16.82 35.54
CA THR B 214 -16.21 17.97 35.75
C THR B 214 -15.52 19.30 35.41
N VAL B 215 -14.29 19.54 35.88
CA VAL B 215 -13.60 20.84 35.70
C VAL B 215 -13.37 21.07 34.21
N ASN B 216 -13.04 20.00 33.47
CA ASN B 216 -12.84 20.05 32.00
C ASN B 216 -14.14 20.44 31.29
N VAL B 217 -15.27 19.86 31.70
CA VAL B 217 -16.60 20.12 31.07
C VAL B 217 -16.92 21.61 31.26
N LEU B 218 -16.65 22.13 32.47
CA LEU B 218 -16.84 23.56 32.80
C LEU B 218 -15.91 24.41 31.92
N ALA B 219 -14.66 23.99 31.70
CA ALA B 219 -13.65 24.70 30.89
C ALA B 219 -14.10 24.75 29.42
N TRP B 220 -14.88 23.77 29.00
CA TRP B 220 -15.31 23.62 27.60
C TRP B 220 -16.52 24.52 27.33
N LEU B 221 -17.45 24.58 28.29
CA LEU B 221 -18.60 25.51 28.31
C LEU B 221 -18.10 26.96 28.25
N TYR B 222 -17.02 27.30 28.95
CA TYR B 222 -16.35 28.62 28.86
C TYR B 222 -15.80 28.83 27.44
N ALA B 223 -15.24 27.79 26.80
CA ALA B 223 -14.73 27.90 25.42
C ALA B 223 -15.90 28.19 24.49
N ALA B 224 -17.04 27.55 24.73
CA ALA B 224 -18.28 27.72 23.94
C ALA B 224 -18.75 29.18 24.05
N VAL B 225 -18.62 29.80 25.23
CA VAL B 225 -19.00 31.22 25.52
C VAL B 225 -17.98 32.17 24.87
N ILE B 226 -16.67 31.92 25.05
CA ILE B 226 -15.59 32.66 24.35
C ILE B 226 -15.90 32.69 22.84
N ASN B 227 -16.41 31.59 22.28
CA ASN B 227 -16.60 31.46 20.81
C ASN B 227 -18.00 31.95 20.44
N GLY B 228 -18.71 32.60 21.38
CA GLY B 228 -19.99 33.30 21.14
C GLY B 228 -21.20 32.38 21.20
N ASP B 229 -21.11 31.26 21.91
CA ASP B 229 -22.22 30.29 22.13
C ASP B 229 -22.74 30.49 23.56
N ARG B 230 -24.00 30.92 23.73
CA ARG B 230 -24.52 31.48 25.01
C ARG B 230 -25.79 30.76 25.48
N TRP B 231 -26.32 29.82 24.69
CA TRP B 231 -27.73 29.34 24.79
C TRP B 231 -27.99 28.62 26.12
N PHE B 232 -26.97 28.06 26.79
CA PHE B 232 -27.11 27.22 28.02
C PHE B 232 -26.95 28.05 29.32
N LEU B 233 -26.60 29.33 29.22
CA LEU B 233 -26.58 30.25 30.39
C LEU B 233 -28.03 30.52 30.83
N ASN B 234 -28.27 30.75 32.13
CA ASN B 234 -29.64 30.92 32.69
C ASN B 234 -29.58 31.76 33.98
N PHE B 236 -31.01 31.24 36.81
CA PHE B 236 -30.77 30.37 37.99
C PHE B 236 -29.31 30.49 38.43
N THR B 237 -29.07 30.32 39.73
CA THR B 237 -27.71 30.26 40.36
C THR B 237 -27.78 29.25 41.51
N THR B 238 -26.81 28.32 41.56
CA THR B 238 -26.76 27.16 42.48
C THR B 238 -25.63 27.38 43.50
N THR B 239 -25.64 26.60 44.60
CA THR B 239 -24.52 26.47 45.57
C THR B 239 -23.59 25.34 45.15
N LEU B 240 -22.42 25.26 45.79
CA LEU B 240 -21.37 24.25 45.50
C LEU B 240 -21.92 22.86 45.86
N ASN B 241 -22.52 22.73 47.06
CA ASN B 241 -22.98 21.44 47.63
C ASN B 241 -24.21 20.92 46.88
N ASP B 242 -25.15 21.79 46.48
CA ASP B 242 -26.34 21.37 45.70
C ASP B 242 -25.88 20.86 44.32
N PHE B 243 -24.89 21.51 43.71
CA PHE B 243 -24.34 21.14 42.38
C PHE B 243 -23.78 19.72 42.45
N ASN B 244 -23.07 19.38 43.52
CA ASN B 244 -22.31 18.11 43.67
C ASN B 244 -23.25 16.93 43.96
N LEU B 245 -24.37 17.18 44.66
CA LEU B 245 -25.44 16.16 44.85
C LEU B 245 -25.89 15.70 43.46
N VAL B 246 -26.07 16.65 42.55
CA VAL B 246 -26.50 16.37 41.14
C VAL B 246 -25.31 15.74 40.38
N ALA B 247 -24.11 16.31 40.53
CA ALA B 247 -22.89 15.88 39.80
C ALA B 247 -22.70 14.36 39.94
N MET B 248 -22.85 13.81 41.13
CA MET B 248 -22.43 12.40 41.42
C MET B 248 -23.54 11.41 41.04
N LYS B 249 -24.79 11.84 40.97
CA LYS B 249 -25.90 11.03 40.40
C LYS B 249 -25.58 10.75 38.92
N TYR B 250 -24.90 11.69 38.24
CA TYR B 250 -24.59 11.64 36.78
C TYR B 250 -23.16 11.14 36.59
N ASN B 251 -22.55 10.63 37.66
CA ASN B 251 -21.21 9.99 37.62
C ASN B 251 -20.17 11.03 37.16
N TYR B 252 -20.34 12.28 37.60
CA TYR B 252 -19.32 13.37 37.48
C TYR B 252 -18.49 13.43 38.77
N GLU B 253 -17.20 13.76 38.64
CA GLU B 253 -16.31 14.06 39.80
C GLU B 253 -16.89 15.22 40.60
N PRO B 254 -16.98 15.12 41.94
CA PRO B 254 -17.27 16.27 42.80
C PRO B 254 -16.28 17.41 42.50
N LEU B 255 -16.80 18.64 42.38
CA LEU B 255 -15.98 19.85 42.10
C LEU B 255 -15.46 20.37 43.45
N THR B 256 -14.14 20.52 43.56
CA THR B 256 -13.42 21.03 44.75
C THR B 256 -13.28 22.54 44.62
N GLN B 257 -12.92 23.24 45.71
CA GLN B 257 -12.72 24.72 45.73
C GLN B 257 -11.47 25.11 44.92
N ASP B 258 -10.53 24.17 44.74
CA ASP B 258 -9.31 24.41 43.92
C ASP B 258 -9.67 24.33 42.44
N HIS B 259 -10.64 23.49 42.07
CA HIS B 259 -11.20 23.40 40.70
C HIS B 259 -11.79 24.76 40.33
N VAL B 260 -12.70 25.26 41.18
CA VAL B 260 -13.33 26.61 41.11
C VAL B 260 -12.24 27.67 40.98
N ASP B 261 -11.13 27.51 41.71
CA ASP B 261 -10.01 28.48 41.72
C ASP B 261 -9.41 28.54 40.30
N ILE B 262 -9.05 27.39 39.70
CA ILE B 262 -8.31 27.33 38.40
C ILE B 262 -9.25 27.60 37.22
N LEU B 263 -10.57 27.61 37.42
CA LEU B 263 -11.53 28.10 36.41
C LEU B 263 -11.71 29.63 36.57
N GLY B 264 -10.87 30.26 37.40
CA GLY B 264 -10.90 31.71 37.70
C GLY B 264 -10.55 32.58 36.49
N PRO B 265 -9.42 32.34 35.79
CA PRO B 265 -9.09 33.14 34.61
C PRO B 265 -10.24 33.13 33.59
N LEU B 266 -10.76 31.94 33.25
CA LEU B 266 -11.85 31.77 32.26
C LEU B 266 -13.09 32.53 32.72
N SER B 267 -13.41 32.44 34.01
CA SER B 267 -14.56 33.13 34.66
C SER B 267 -14.39 34.65 34.51
N ALA B 268 -13.21 35.16 34.88
CA ALA B 268 -12.84 36.60 34.80
C ALA B 268 -12.97 37.08 33.36
N GLN B 269 -12.36 36.36 32.40
CA GLN B 269 -12.35 36.71 30.97
C GLN B 269 -13.77 36.75 30.39
N THR B 270 -14.66 35.86 30.84
CA THR B 270 -16.04 35.75 30.27
C THR B 270 -17.02 36.53 31.13
N GLY B 271 -16.61 36.90 32.35
CA GLY B 271 -17.45 37.51 33.39
C GLY B 271 -18.59 36.58 33.80
N ILE B 272 -18.44 35.26 33.64
CA ILE B 272 -19.43 34.28 34.16
C ILE B 272 -18.81 33.59 35.37
N ALA B 273 -19.36 33.86 36.55
CA ALA B 273 -19.03 33.24 37.85
C ALA B 273 -19.10 31.72 37.71
N VAL B 274 -18.10 31.02 38.24
CA VAL B 274 -17.97 29.53 38.14
C VAL B 274 -19.28 28.86 38.61
N LEU B 275 -19.88 29.34 39.70
CA LEU B 275 -21.14 28.78 40.27
C LEU B 275 -22.32 29.03 39.31
N ASP B 276 -22.29 30.08 38.50
CA ASP B 276 -23.35 30.31 37.48
C ASP B 276 -23.15 29.27 36.37
N MET B 277 -21.91 28.90 36.06
CA MET B 277 -21.62 27.88 35.01
C MET B 277 -21.95 26.48 35.53
N CYS B 278 -21.82 26.26 36.84
CA CYS B 278 -22.26 25.01 37.52
C CYS B 278 -23.78 24.87 37.41
N ALA B 279 -24.53 25.95 37.61
CA ALA B 279 -25.99 26.00 37.40
C ALA B 279 -26.32 25.64 35.95
N SER B 280 -25.59 26.20 34.99
CA SER B 280 -25.77 25.85 33.56
C SER B 280 -25.58 24.34 33.41
N LEU B 281 -24.46 23.80 33.90
CA LEU B 281 -24.13 22.36 33.76
C LEU B 281 -25.26 21.53 34.39
N LYS B 282 -25.68 21.89 35.61
CA LYS B 282 -26.70 21.13 36.39
C LYS B 282 -27.92 20.89 35.50
N GLU B 283 -28.39 21.92 34.79
CA GLU B 283 -29.60 21.85 33.91
C GLU B 283 -29.33 20.90 32.74
N LEU B 284 -28.16 21.02 32.12
CA LEU B 284 -27.78 20.19 30.95
C LEU B 284 -27.76 18.72 31.37
N LEU B 285 -27.23 18.42 32.56
CA LEU B 285 -27.19 17.04 33.12
C LEU B 285 -28.62 16.50 33.30
N GLN B 286 -29.53 17.33 33.81
CA GLN B 286 -30.90 16.92 34.20
C GLN B 286 -31.78 16.82 32.95
N ASN B 287 -31.86 17.89 32.17
CA ASN B 287 -32.85 18.07 31.07
C ASN B 287 -32.24 17.75 29.70
N GLY B 288 -30.94 17.46 29.62
CA GLY B 288 -30.26 17.06 28.36
C GLY B 288 -30.04 18.23 27.41
N MET B 289 -29.47 17.97 26.23
CA MET B 289 -29.11 19.01 25.23
C MET B 289 -30.21 19.14 24.18
N ASN B 290 -31.25 18.30 24.25
CA ASN B 290 -32.57 18.51 23.60
C ASN B 290 -32.36 18.86 22.13
N GLY B 291 -31.60 18.02 21.41
CA GLY B 291 -31.28 18.18 19.97
C GLY B 291 -30.51 19.47 19.69
N ARG B 292 -29.78 19.98 20.68
CA ARG B 292 -28.87 21.15 20.54
C ARG B 292 -27.43 20.62 20.40
N THR B 293 -26.50 21.50 20.03
CA THR B 293 -25.05 21.19 19.99
C THR B 293 -24.27 22.33 20.65
N ILE B 294 -23.06 22.03 21.14
CA ILE B 294 -22.12 23.04 21.71
C ILE B 294 -20.77 22.74 21.07
N LEU B 295 -20.20 23.68 20.32
CA LEU B 295 -18.86 23.54 19.71
C LEU B 295 -18.83 22.27 18.85
N GLY B 296 -19.89 22.05 18.06
CA GLY B 296 -19.99 20.96 17.08
C GLY B 296 -20.35 19.61 17.70
N SER B 297 -20.58 19.55 19.02
CA SER B 297 -20.81 18.28 19.77
C SER B 297 -22.20 18.27 20.41
N ALA B 298 -22.88 17.13 20.35
CA ALA B 298 -24.18 16.86 21.01
C ALA B 298 -24.02 16.08 22.32
N LEU B 299 -22.79 15.99 22.87
CA LEU B 299 -22.48 15.57 24.27
C LEU B 299 -21.63 16.64 24.95
N LEU B 300 -21.44 16.49 26.27
CA LEU B 300 -20.59 17.33 27.13
C LEU B 300 -19.17 16.76 27.13
N GLU B 301 -18.22 17.49 26.53
CA GLU B 301 -16.81 17.09 26.30
C GLU B 301 -16.00 17.34 27.57
N ASP B 302 -15.17 16.36 27.97
CA ASP B 302 -14.43 16.39 29.25
C ASP B 302 -12.93 16.21 29.00
N GLU B 303 -12.46 16.34 27.76
CA GLU B 303 -11.03 16.17 27.44
C GLU B 303 -10.45 17.51 26.96
N PHE B 304 -11.01 18.62 27.45
CA PHE B 304 -10.36 19.97 27.38
C PHE B 304 -10.12 20.49 28.79
N THR B 305 -8.85 20.63 29.18
CA THR B 305 -8.42 21.31 30.43
C THR B 305 -8.50 22.81 30.22
N PRO B 306 -8.63 23.61 31.30
CA PRO B 306 -8.63 25.08 31.19
C PRO B 306 -7.53 25.59 30.25
N PHE B 307 -6.28 25.21 30.46
CA PHE B 307 -5.12 25.72 29.67
C PHE B 307 -5.27 25.30 28.21
N ASP B 308 -5.85 24.12 27.92
CA ASP B 308 -6.16 23.66 26.55
C ASP B 308 -7.06 24.67 25.83
N VAL B 309 -8.08 25.19 26.51
CA VAL B 309 -9.04 26.16 25.94
C VAL B 309 -8.29 27.47 25.66
N VAL B 310 -7.38 27.89 26.55
CA VAL B 310 -6.59 29.15 26.40
C VAL B 310 -5.62 29.01 25.22
N ARG B 311 -4.96 27.85 25.06
CA ARG B 311 -3.95 27.62 23.98
C ARG B 311 -4.63 27.82 22.62
N GLN B 312 -5.82 27.23 22.44
CA GLN B 312 -6.50 27.23 21.11
C GLN B 312 -7.17 28.59 20.87
N CYS B 313 -7.85 29.13 21.87
CA CYS B 313 -8.67 30.39 21.79
C CYS B 313 -7.79 31.64 21.70
N SER B 314 -6.57 31.63 22.24
CA SER B 314 -5.63 32.79 22.20
C SER B 314 -4.49 32.56 21.20
N GLY B 315 -4.39 31.38 20.59
CA GLY B 315 -3.40 31.09 19.52
C GLY B 315 -1.97 31.06 20.04
N VAL B 316 -1.77 30.40 21.18
CA VAL B 316 -0.43 30.15 21.78
C VAL B 316 0.39 29.34 20.77
N THR B 317 1.61 29.79 20.46
CA THR B 317 2.56 29.07 19.57
C THR B 317 3.71 28.58 20.44
N PHE B 318 4.59 27.74 19.88
CA PHE B 318 5.72 27.12 20.62
C PHE B 318 7.04 27.39 19.87
N LYS C 1 -10.48 -10.15 26.34
CA LYS C 1 -10.52 -10.95 27.59
C LYS C 1 -9.18 -10.84 28.33
N LEU C 2 -8.06 -10.97 27.62
CA LEU C 2 -6.69 -10.85 28.21
C LEU C 2 -6.03 -9.56 27.72
N ALA C 3 -5.45 -8.79 28.65
CA ALA C 3 -4.55 -7.64 28.36
C ALA C 3 -3.58 -8.02 27.24
N GLN C 4 -3.35 -7.11 26.30
CA GLN C 4 -2.34 -7.25 25.21
C GLN C 4 -1.20 -6.26 25.45
N LEU C 5 0.02 -6.76 25.62
CA LEU C 5 1.28 -5.96 25.58
C LEU C 5 1.62 -5.74 24.11
N GLN C 6 1.62 -4.49 23.65
CA GLN C 6 1.47 -4.20 22.19
C GLN C 6 2.87 -4.12 21.56
N VAL C 7 3.68 -5.18 21.70
CA VAL C 7 4.88 -5.43 20.84
C VAL C 7 4.42 -5.94 19.47
N ALA C 8 5.28 -5.76 18.47
CA ALA C 8 5.19 -6.43 17.14
C ALA C 8 6.23 -7.56 17.09
N TYR C 9 6.06 -8.47 16.14
CA TYR C 9 7.01 -9.54 15.77
C TYR C 9 7.28 -9.44 14.26
N SER D 14 -5.59 -7.28 -4.78
CA SER D 14 -4.90 -6.18 -5.50
C SER D 14 -3.52 -6.69 -5.98
N GLY D 15 -2.70 -5.78 -6.50
CA GLY D 15 -1.45 -6.13 -7.22
C GLY D 15 -1.70 -6.31 -8.70
N PHE D 16 -0.62 -6.26 -9.49
CA PHE D 16 -0.65 -6.28 -10.96
C PHE D 16 0.71 -6.83 -11.42
N ARG D 17 0.67 -7.93 -12.16
CA ARG D 17 1.86 -8.69 -12.61
C ARG D 17 1.79 -8.83 -14.13
N LYS D 18 2.91 -9.18 -14.75
CA LYS D 18 2.92 -9.72 -16.14
C LYS D 18 2.31 -11.11 -16.05
N MET D 19 1.08 -11.27 -16.52
CA MET D 19 0.27 -12.49 -16.29
C MET D 19 0.16 -13.30 -17.60
N ALA D 20 0.85 -14.43 -17.65
CA ALA D 20 0.73 -15.40 -18.77
C ALA D 20 -0.56 -16.20 -18.58
N PHE D 21 -1.16 -16.66 -19.67
CA PHE D 21 -2.27 -17.66 -19.66
C PHE D 21 -1.75 -18.98 -19.12
N PRO D 22 -2.61 -19.79 -18.45
CA PRO D 22 -2.24 -21.14 -18.03
C PRO D 22 -1.80 -21.98 -19.24
N SER D 23 -0.77 -22.81 -19.06
CA SER D 23 0.05 -23.39 -20.16
C SER D 23 -0.31 -24.87 -20.43
N GLY D 24 -1.09 -25.49 -19.52
CA GLY D 24 -1.40 -26.95 -19.49
C GLY D 24 -1.89 -27.49 -20.82
N LYS D 25 -2.87 -26.83 -21.44
CA LYS D 25 -3.45 -27.28 -22.75
C LYS D 25 -2.34 -27.27 -23.82
N VAL D 26 -1.40 -26.33 -23.78
CA VAL D 26 -0.29 -26.24 -24.78
C VAL D 26 0.82 -27.24 -24.44
N GLU D 27 0.98 -27.60 -23.15
CA GLU D 27 2.12 -28.46 -22.71
C GLU D 27 1.98 -29.85 -23.31
N GLY D 28 0.77 -30.42 -23.30
CA GLY D 28 0.52 -31.79 -23.73
C GLY D 28 0.63 -31.94 -25.25
N CYS D 29 0.86 -30.84 -25.97
CA CYS D 29 1.02 -30.80 -27.44
C CYS D 29 2.49 -30.69 -27.83
N MET D 30 3.38 -30.55 -26.86
CA MET D 30 4.81 -30.23 -27.09
C MET D 30 5.60 -31.54 -27.16
N VAL D 31 6.30 -31.72 -28.29
CA VAL D 31 7.12 -32.92 -28.59
C VAL D 31 8.52 -32.46 -29.00
N GLN D 32 9.43 -33.44 -29.06
CA GLN D 32 10.81 -33.30 -29.56
C GLN D 32 10.83 -33.79 -31.01
N VAL D 33 11.35 -32.99 -31.92
CA VAL D 33 11.45 -33.31 -33.38
C VAL D 33 12.91 -33.24 -33.80
N THR D 34 13.49 -34.38 -34.18
CA THR D 34 14.91 -34.51 -34.59
C THR D 34 15.04 -35.04 -36.03
N CYS D 35 15.97 -34.44 -36.80
CA CYS D 35 16.53 -34.90 -38.09
C CYS D 35 18.06 -35.06 -37.95
N GLY D 36 18.53 -36.28 -37.71
CA GLY D 36 19.98 -36.56 -37.57
C GLY D 36 20.54 -35.94 -36.31
N THR D 37 21.37 -34.89 -36.46
CA THR D 37 22.05 -34.18 -35.33
C THR D 37 21.26 -32.94 -34.92
N THR D 38 20.25 -32.55 -35.69
CA THR D 38 19.49 -31.27 -35.53
C THR D 38 18.20 -31.52 -34.72
N THR D 39 17.99 -30.80 -33.60
CA THR D 39 16.79 -30.94 -32.72
C THR D 39 16.14 -29.60 -32.43
N LEU D 40 14.80 -29.57 -32.41
CA LEU D 40 13.97 -28.46 -31.88
C LEU D 40 12.63 -29.01 -31.36
N ASN D 41 11.63 -28.14 -31.19
CA ASN D 41 10.33 -28.52 -30.57
C ASN D 41 9.26 -28.49 -31.65
N GLY D 42 8.22 -29.30 -31.46
CA GLY D 42 7.09 -29.44 -32.38
C GLY D 42 5.77 -29.35 -31.65
N LEU D 43 4.71 -29.02 -32.40
CA LEU D 43 3.34 -28.86 -31.87
C LEU D 43 2.49 -29.98 -32.46
N TRP D 44 2.02 -30.87 -31.59
CA TRP D 44 1.30 -32.13 -31.88
C TRP D 44 -0.21 -31.88 -31.78
N LEU D 45 -0.86 -31.59 -32.91
CA LEU D 45 -2.31 -31.29 -32.96
C LEU D 45 -3.02 -32.34 -33.81
N ASP D 46 -3.84 -33.15 -33.15
CA ASP D 46 -4.42 -34.42 -33.67
C ASP D 46 -3.25 -35.23 -34.25
N ASP D 47 -3.29 -35.61 -35.53
CA ASP D 47 -2.27 -36.53 -36.13
C ASP D 47 -1.21 -35.72 -36.89
N VAL D 48 -1.00 -34.43 -36.60
CA VAL D 48 0.02 -33.59 -37.28
C VAL D 48 0.97 -32.99 -36.25
N VAL D 49 2.26 -32.94 -36.59
CA VAL D 49 3.32 -32.25 -35.80
C VAL D 49 3.85 -31.11 -36.68
N TYR D 50 3.73 -29.88 -36.17
CA TYR D 50 4.15 -28.61 -36.83
C TYR D 50 5.47 -28.20 -36.21
N CYS D 51 6.46 -27.81 -37.02
CA CYS D 51 7.79 -27.36 -36.54
C CYS D 51 8.56 -26.59 -37.61
N PRO D 52 9.47 -25.69 -37.22
CA PRO D 52 10.31 -24.98 -38.19
C PRO D 52 11.04 -25.95 -39.14
N ARG D 53 11.03 -25.62 -40.43
CA ARG D 53 11.62 -26.47 -41.49
C ARG D 53 13.15 -26.55 -41.32
N HIS D 54 13.77 -25.64 -40.57
CA HIS D 54 15.25 -25.56 -40.41
C HIS D 54 15.75 -26.75 -39.58
N VAL D 55 14.83 -27.61 -39.11
CA VAL D 55 15.16 -28.91 -38.46
C VAL D 55 15.94 -29.81 -39.43
N ILE D 56 15.71 -29.66 -40.75
CA ILE D 56 16.30 -30.51 -41.83
C ILE D 56 17.71 -30.04 -42.23
N CYS D 57 18.18 -28.89 -41.72
CA CYS D 57 19.53 -28.35 -42.01
C CYS D 57 20.59 -28.95 -41.08
N THR D 58 21.84 -29.02 -41.54
CA THR D 58 23.05 -29.12 -40.68
C THR D 58 23.63 -27.72 -40.49
N SER D 59 24.65 -27.57 -39.64
CA SER D 59 25.33 -26.29 -39.31
C SER D 59 25.86 -25.62 -40.59
N GLU D 60 26.33 -26.42 -41.56
CA GLU D 60 26.94 -25.93 -42.84
C GLU D 60 25.86 -25.59 -43.87
N ASP D 61 24.62 -26.07 -43.69
CA ASP D 61 23.46 -25.81 -44.57
C ASP D 61 22.77 -24.47 -44.23
N MET D 62 23.21 -23.76 -43.17
CA MET D 62 22.40 -22.70 -42.50
C MET D 62 22.55 -21.33 -43.17
N LEU D 63 23.58 -21.09 -44.00
CA LEU D 63 23.84 -19.73 -44.54
C LEU D 63 22.77 -19.38 -45.59
N ASN D 64 22.53 -20.27 -46.57
CA ASN D 64 21.37 -20.16 -47.49
C ASN D 64 20.92 -21.56 -47.87
N PRO D 65 20.22 -22.27 -46.96
CA PRO D 65 19.75 -23.64 -47.21
C PRO D 65 18.67 -23.73 -48.30
N ASN D 66 18.94 -24.55 -49.33
CA ASN D 66 17.93 -24.94 -50.35
C ASN D 66 17.00 -25.97 -49.70
N TYR D 67 15.92 -25.49 -49.08
CA TYR D 67 14.99 -26.29 -48.24
C TYR D 67 14.27 -27.36 -49.06
N GLU D 68 13.90 -27.01 -50.30
CA GLU D 68 13.08 -27.83 -51.22
C GLU D 68 13.90 -29.05 -51.62
N ASP D 69 15.19 -28.83 -51.93
CA ASP D 69 16.22 -29.87 -52.21
C ASP D 69 16.50 -30.72 -50.97
N LEU D 70 16.66 -30.10 -49.78
CA LEU D 70 16.96 -30.81 -48.51
C LEU D 70 15.78 -31.73 -48.12
N LEU D 71 14.54 -31.33 -48.43
CA LEU D 71 13.31 -32.11 -48.12
C LEU D 71 13.20 -33.31 -49.05
N ILE D 72 13.50 -33.12 -50.34
CA ILE D 72 13.53 -34.19 -51.38
C ILE D 72 14.24 -35.42 -50.83
N ARG D 73 15.37 -35.23 -50.11
CA ARG D 73 16.24 -36.33 -49.63
C ARG D 73 15.73 -36.87 -48.28
N LYS D 74 14.80 -36.19 -47.61
CA LYS D 74 14.28 -36.59 -46.27
C LYS D 74 13.11 -37.56 -46.44
N SER D 75 13.17 -38.73 -45.77
CA SER D 75 12.08 -39.72 -45.71
C SER D 75 11.38 -39.62 -44.35
N ASN D 76 10.17 -40.17 -44.25
CA ASN D 76 9.39 -40.25 -42.98
C ASN D 76 10.25 -40.83 -41.85
N HIS D 77 11.20 -41.71 -42.16
CA HIS D 77 12.00 -42.43 -41.15
C HIS D 77 13.11 -41.53 -40.57
N ASN D 78 13.46 -40.42 -41.22
CA ASN D 78 14.58 -39.51 -40.79
C ASN D 78 14.12 -38.55 -39.69
N PHE D 79 12.84 -38.17 -39.72
CA PHE D 79 12.11 -37.41 -38.66
C PHE D 79 11.82 -38.29 -37.45
N LEU D 80 12.58 -38.09 -36.37
CA LEU D 80 12.36 -38.74 -35.06
C LEU D 80 11.57 -37.78 -34.17
N VAL D 81 10.46 -38.24 -33.59
CA VAL D 81 9.54 -37.45 -32.72
C VAL D 81 9.31 -38.21 -31.41
N GLN D 82 9.73 -37.63 -30.28
CA GLN D 82 9.50 -38.20 -28.92
C GLN D 82 8.50 -37.29 -28.19
N ALA D 83 7.41 -37.87 -27.69
CA ALA D 83 6.38 -37.16 -26.89
C ALA D 83 6.49 -37.67 -25.46
N GLY D 84 6.96 -36.82 -24.54
CA GLY D 84 7.61 -37.26 -23.30
C GLY D 84 8.69 -38.27 -23.66
N ASN D 85 8.58 -39.50 -23.17
CA ASN D 85 9.47 -40.63 -23.51
C ASN D 85 8.98 -41.32 -24.80
N VAL D 86 7.64 -41.41 -24.96
CA VAL D 86 6.89 -42.17 -26.00
C VAL D 86 7.33 -41.75 -27.42
N GLN D 87 7.95 -42.68 -28.15
CA GLN D 87 8.32 -42.55 -29.59
C GLN D 87 7.04 -42.48 -30.44
N LEU D 88 6.78 -41.36 -31.10
CA LEU D 88 5.71 -41.21 -32.13
C LEU D 88 6.31 -41.51 -33.51
N ARG D 89 5.58 -42.26 -34.34
CA ARG D 89 6.02 -42.71 -35.68
C ARG D 89 5.45 -41.76 -36.74
N VAL D 90 6.32 -41.22 -37.60
CA VAL D 90 5.98 -40.27 -38.68
C VAL D 90 5.72 -41.07 -39.96
N ILE D 91 4.63 -40.77 -40.66
CA ILE D 91 4.15 -41.57 -41.83
C ILE D 91 3.94 -40.64 -43.03
N GLY D 92 4.45 -39.40 -42.99
CA GLY D 92 4.19 -38.38 -44.03
C GLY D 92 4.81 -37.04 -43.70
N HIS D 93 5.48 -36.42 -44.68
CA HIS D 93 6.14 -35.09 -44.57
C HIS D 93 5.72 -34.19 -45.74
N SER D 94 5.45 -32.91 -45.45
CA SER D 94 5.26 -31.82 -46.45
C SER D 94 5.76 -30.50 -45.86
N MET D 95 6.00 -29.51 -46.72
CA MET D 95 6.47 -28.15 -46.32
C MET D 95 5.41 -27.10 -46.67
N GLN D 96 4.98 -26.32 -45.70
CA GLN D 96 4.13 -25.12 -45.90
C GLN D 96 4.93 -23.86 -45.52
N ASN D 97 5.49 -23.15 -46.50
CA ASN D 97 6.32 -21.93 -46.24
C ASN D 97 7.51 -22.34 -45.36
N CYS D 98 7.67 -21.79 -44.16
CA CYS D 98 8.85 -22.05 -43.29
C CYS D 98 8.56 -23.17 -42.27
N VAL D 99 7.46 -23.92 -42.41
CA VAL D 99 7.10 -24.99 -41.42
C VAL D 99 6.96 -26.34 -42.13
N LEU D 100 7.35 -27.42 -41.45
CA LEU D 100 7.10 -28.83 -41.86
C LEU D 100 5.84 -29.36 -41.15
N LYS D 101 4.93 -29.92 -41.93
CA LYS D 101 3.77 -30.70 -41.45
C LYS D 101 4.15 -32.19 -41.47
N LEU D 102 4.35 -32.78 -40.28
CA LEU D 102 4.70 -34.22 -40.10
C LEU D 102 3.44 -34.97 -39.63
N LYS D 103 2.91 -35.83 -40.50
CA LYS D 103 1.77 -36.71 -40.19
C LYS D 103 2.28 -37.87 -39.31
N VAL D 104 1.64 -38.10 -38.17
CA VAL D 104 2.06 -39.17 -37.21
C VAL D 104 0.95 -40.22 -37.11
N ASP D 105 1.33 -41.42 -36.70
CA ASP D 105 0.50 -42.65 -36.65
C ASP D 105 -0.48 -42.59 -35.47
N THR D 106 -0.49 -41.48 -34.72
CA THR D 106 -1.30 -41.31 -33.48
C THR D 106 -1.71 -39.85 -33.35
N ALA D 107 -3.01 -39.57 -33.35
CA ALA D 107 -3.54 -38.24 -33.00
C ALA D 107 -3.24 -37.98 -31.52
N ASN D 108 -2.79 -36.78 -31.19
CA ASN D 108 -2.61 -36.33 -29.80
C ASN D 108 -3.94 -36.50 -29.05
N PRO D 109 -4.01 -37.43 -28.07
CA PRO D 109 -5.24 -37.66 -27.31
C PRO D 109 -5.72 -36.46 -26.46
N LYS D 110 -4.80 -35.56 -26.09
CA LYS D 110 -5.09 -34.36 -25.25
C LYS D 110 -5.02 -33.10 -26.13
N THR D 111 -5.40 -33.20 -27.40
CA THR D 111 -5.50 -32.03 -28.32
C THR D 111 -6.55 -31.06 -27.77
N PRO D 112 -6.19 -29.78 -27.53
CA PRO D 112 -7.16 -28.77 -27.15
C PRO D 112 -7.92 -28.25 -28.39
N LYS D 113 -9.15 -27.79 -28.19
CA LYS D 113 -9.88 -27.04 -29.24
C LYS D 113 -9.01 -25.82 -29.56
N TYR D 114 -8.64 -25.63 -30.83
CA TYR D 114 -7.59 -24.66 -31.21
C TYR D 114 -7.95 -23.97 -32.51
N LYS D 115 -7.15 -22.95 -32.84
CA LYS D 115 -7.16 -22.26 -34.15
C LYS D 115 -5.81 -21.58 -34.36
N PHE D 116 -5.42 -21.41 -35.61
CA PHE D 116 -4.23 -20.61 -36.03
C PHE D 116 -4.73 -19.21 -36.41
N VAL D 117 -4.21 -18.19 -35.72
CA VAL D 117 -4.55 -16.76 -35.92
C VAL D 117 -3.24 -16.02 -36.21
N ARG D 118 -3.28 -15.03 -37.10
CA ARG D 118 -2.12 -14.15 -37.33
C ARG D 118 -2.36 -12.86 -36.54
N ILE D 119 -1.58 -12.61 -35.49
CA ILE D 119 -1.73 -11.40 -34.63
C ILE D 119 -1.07 -10.22 -35.36
N GLN D 120 -1.49 -9.00 -35.04
CA GLN D 120 -0.88 -7.75 -35.57
C GLN D 120 0.05 -7.19 -34.51
N PRO D 121 0.96 -6.25 -34.87
CA PRO D 121 1.77 -5.54 -33.89
C PRO D 121 0.92 -4.94 -32.78
N GLY D 122 1.46 -4.90 -31.55
CA GLY D 122 0.76 -4.39 -30.35
C GLY D 122 0.18 -5.51 -29.51
N GLN D 123 -0.40 -6.53 -30.14
CA GLN D 123 -1.08 -7.64 -29.41
C GLN D 123 -0.02 -8.51 -28.73
N THR D 124 -0.38 -9.04 -27.55
CA THR D 124 0.51 -9.89 -26.73
C THR D 124 0.07 -11.35 -26.87
N PHE D 125 0.88 -12.25 -26.32
CA PHE D 125 0.61 -13.70 -26.23
C PHE D 125 1.60 -14.27 -25.20
N SER D 126 1.30 -15.46 -24.71
CA SER D 126 2.11 -16.23 -23.75
C SER D 126 3.01 -17.16 -24.55
N VAL D 127 4.32 -17.04 -24.34
CA VAL D 127 5.34 -17.98 -24.89
C VAL D 127 5.56 -19.08 -23.85
N LEU D 128 5.53 -20.33 -24.31
CA LEU D 128 5.89 -21.56 -23.54
C LEU D 128 7.28 -21.98 -24.02
N ALA D 129 8.34 -21.41 -23.43
CA ALA D 129 9.74 -21.79 -23.71
C ALA D 129 9.89 -23.29 -23.49
N CYS D 130 10.32 -24.01 -24.51
CA CYS D 130 10.53 -25.49 -24.49
C CYS D 130 11.96 -25.81 -24.90
N TYR D 131 12.50 -26.92 -24.39
CA TYR D 131 13.83 -27.44 -24.81
C TYR D 131 13.78 -28.96 -24.78
N ASN D 132 14.14 -29.59 -25.90
CA ASN D 132 14.13 -31.06 -26.07
C ASN D 132 12.68 -31.55 -25.94
N GLY D 133 11.70 -30.75 -26.40
CA GLY D 133 10.26 -31.09 -26.34
C GLY D 133 9.71 -31.04 -24.92
N SER D 134 10.49 -30.49 -24.00
CA SER D 134 10.22 -30.51 -22.54
C SER D 134 9.97 -29.07 -22.10
N PRO D 135 8.73 -28.72 -21.71
CA PRO D 135 8.42 -27.35 -21.28
C PRO D 135 9.23 -26.94 -20.05
N SER D 136 9.83 -25.74 -20.09
CA SER D 136 10.74 -25.26 -19.03
C SER D 136 10.34 -23.87 -18.52
N GLY D 137 9.51 -23.09 -19.23
CA GLY D 137 9.05 -21.77 -18.74
C GLY D 137 7.88 -21.19 -19.51
N VAL D 138 7.22 -20.18 -18.92
CA VAL D 138 6.15 -19.39 -19.60
C VAL D 138 6.18 -17.93 -19.16
N TYR D 139 6.14 -17.03 -20.15
CA TYR D 139 6.20 -15.55 -20.01
C TYR D 139 5.38 -14.85 -21.10
N GLN D 140 5.01 -13.60 -20.83
CA GLN D 140 4.17 -12.76 -21.72
C GLN D 140 5.08 -11.95 -22.65
N CYS D 141 4.66 -11.80 -23.91
CA CYS D 141 5.39 -11.03 -24.97
C CYS D 141 4.39 -10.21 -25.80
N ALA D 142 4.84 -9.06 -26.30
CA ALA D 142 4.12 -8.29 -27.33
C ALA D 142 4.83 -8.49 -28.67
N MET D 143 4.07 -8.59 -29.76
CA MET D 143 4.59 -8.29 -31.11
C MET D 143 4.97 -6.80 -31.09
N ARG D 144 6.24 -6.48 -31.34
CA ARG D 144 6.69 -5.07 -31.50
C ARG D 144 6.09 -4.53 -32.78
N PRO D 145 6.02 -3.19 -32.96
CA PRO D 145 5.69 -2.61 -34.26
C PRO D 145 6.60 -3.06 -35.44
N ASN D 146 7.86 -3.42 -35.17
CA ASN D 146 8.82 -3.89 -36.20
C ASN D 146 8.76 -5.43 -36.33
N PHE D 147 7.65 -6.06 -35.88
CA PHE D 147 7.31 -7.50 -36.05
C PHE D 147 8.39 -8.41 -35.44
N THR D 148 9.07 -7.95 -34.37
CA THR D 148 9.96 -8.79 -33.53
C THR D 148 9.29 -8.95 -32.16
N ILE D 149 9.81 -9.88 -31.35
CA ILE D 149 9.41 -10.10 -29.94
C ILE D 149 10.70 -10.00 -29.11
N LYS D 150 10.63 -9.34 -27.95
CA LYS D 150 11.76 -9.20 -26.99
C LYS D 150 11.63 -10.36 -26.00
N GLY D 151 12.08 -11.54 -26.45
CA GLY D 151 11.83 -12.81 -25.75
C GLY D 151 13.02 -13.24 -24.91
N SER D 152 12.89 -14.43 -24.31
CA SER D 152 13.98 -15.14 -23.59
C SER D 152 14.08 -16.54 -24.18
N PHE D 153 15.07 -16.76 -25.05
CA PHE D 153 15.21 -17.99 -25.87
C PHE D 153 16.69 -18.34 -26.07
N LEU D 154 17.02 -19.62 -25.93
CA LEU D 154 18.37 -20.17 -26.15
C LEU D 154 18.31 -21.10 -27.35
N ASN D 155 19.43 -21.76 -27.67
CA ASN D 155 19.47 -22.77 -28.76
C ASN D 155 18.67 -23.98 -28.29
N GLY D 156 17.81 -24.52 -29.16
CA GLY D 156 16.87 -25.61 -28.87
C GLY D 156 15.46 -25.10 -28.68
N SER D 157 15.27 -23.77 -28.69
CA SER D 157 14.00 -23.07 -28.37
C SER D 157 13.11 -23.02 -29.61
N SER D 158 13.69 -23.13 -30.82
CA SER D 158 12.95 -23.17 -32.11
C SER D 158 11.78 -24.13 -31.97
N GLY D 159 10.56 -23.66 -32.26
CA GLY D 159 9.35 -24.50 -32.24
C GLY D 159 8.54 -24.31 -30.98
N SER D 160 9.08 -23.59 -29.98
CA SER D 160 8.26 -23.08 -28.84
C SER D 160 7.18 -22.18 -29.46
N VAL D 161 6.00 -22.13 -28.85
CA VAL D 161 4.83 -21.44 -29.45
C VAL D 161 4.39 -20.27 -28.57
N GLY D 162 3.88 -19.25 -29.24
CA GLY D 162 3.12 -18.14 -28.66
C GLY D 162 1.64 -18.40 -28.86
N PHE D 163 0.84 -18.14 -27.82
CA PHE D 163 -0.61 -18.50 -27.82
C PHE D 163 -1.40 -17.52 -26.95
N ASN D 164 -2.68 -17.32 -27.31
CA ASN D 164 -3.70 -16.71 -26.42
C ASN D 164 -4.81 -17.73 -26.18
N ILE D 165 -5.55 -17.60 -25.06
CA ILE D 165 -6.82 -18.35 -24.82
C ILE D 165 -7.97 -17.39 -25.09
N ASP D 166 -8.77 -17.67 -26.14
CA ASP D 166 -9.98 -16.89 -26.49
C ASP D 166 -10.98 -17.03 -25.34
N TYR D 167 -11.30 -18.27 -24.96
CA TYR D 167 -12.36 -18.63 -23.98
C TYR D 167 -12.29 -20.14 -23.66
N ASP D 168 -12.55 -20.98 -24.67
CA ASP D 168 -12.45 -22.46 -24.63
C ASP D 168 -11.47 -22.95 -25.71
N CYS D 169 -10.80 -22.01 -26.40
CA CYS D 169 -10.00 -22.24 -27.63
C CYS D 169 -8.57 -21.70 -27.44
N VAL D 170 -7.56 -22.55 -27.63
CA VAL D 170 -6.15 -22.10 -27.72
C VAL D 170 -5.98 -21.47 -29.10
N SER D 171 -5.55 -20.19 -29.13
CA SER D 171 -5.17 -19.39 -30.32
C SER D 171 -3.65 -19.37 -30.44
N PHE D 172 -3.07 -20.30 -31.22
CA PHE D 172 -1.63 -20.31 -31.55
C PHE D 172 -1.34 -19.21 -32.57
N CYS D 173 -0.51 -18.23 -32.20
CA CYS D 173 -0.18 -17.04 -33.02
C CYS D 173 1.31 -16.99 -33.41
N TYR D 174 2.18 -17.85 -32.85
CA TYR D 174 3.65 -17.72 -32.95
C TYR D 174 4.31 -19.10 -32.82
N MET D 175 5.30 -19.34 -33.68
CA MET D 175 6.30 -20.41 -33.58
C MET D 175 7.69 -19.76 -33.71
N HIS D 176 8.63 -20.12 -32.84
CA HIS D 176 9.97 -19.47 -32.74
C HIS D 176 10.93 -20.06 -33.77
N HIS D 177 11.70 -19.23 -34.47
CA HIS D 177 12.73 -19.70 -35.44
C HIS D 177 14.12 -19.23 -35.03
N MET D 178 14.29 -17.92 -34.83
CA MET D 178 15.63 -17.28 -34.79
C MET D 178 15.70 -16.10 -33.82
N GLU D 179 16.95 -15.79 -33.45
CA GLU D 179 17.38 -14.59 -32.69
C GLU D 179 18.25 -13.70 -33.59
N LEU D 180 17.85 -12.44 -33.76
CA LEU D 180 18.54 -11.39 -34.56
C LEU D 180 19.78 -10.94 -33.80
N PRO D 181 20.79 -10.34 -34.48
CA PRO D 181 22.01 -9.89 -33.79
C PRO D 181 21.77 -8.94 -32.59
N THR D 182 20.67 -8.17 -32.58
CA THR D 182 20.32 -7.20 -31.49
C THR D 182 19.85 -7.90 -30.20
N GLY D 183 19.59 -9.22 -30.24
CA GLY D 183 19.07 -10.00 -29.11
C GLY D 183 17.55 -10.19 -29.14
N VAL D 184 16.84 -9.48 -30.02
CA VAL D 184 15.36 -9.59 -30.24
C VAL D 184 15.09 -10.82 -31.12
N HIS D 185 13.83 -11.28 -31.20
CA HIS D 185 13.49 -12.64 -31.70
C HIS D 185 12.49 -12.55 -32.87
N ALA D 186 12.59 -13.53 -33.78
CA ALA D 186 11.78 -13.62 -35.01
C ALA D 186 11.24 -15.04 -35.17
N GLY D 187 10.05 -15.16 -35.76
CA GLY D 187 9.32 -16.42 -35.90
C GLY D 187 8.10 -16.28 -36.80
N THR D 188 7.28 -17.32 -36.85
CA THR D 188 6.18 -17.42 -37.85
C THR D 188 4.84 -17.56 -37.16
N ASP D 189 3.76 -17.39 -37.94
CA ASP D 189 2.42 -17.89 -37.58
C ASP D 189 2.53 -19.41 -37.71
N LEU D 190 1.46 -20.14 -37.42
CA LEU D 190 1.48 -21.63 -37.43
C LEU D 190 1.37 -22.15 -38.86
N GLU D 191 1.12 -21.26 -39.83
CA GLU D 191 1.14 -21.60 -41.28
C GLU D 191 2.55 -21.32 -41.85
N GLY D 192 3.45 -20.75 -41.05
CA GLY D 192 4.89 -20.69 -41.37
C GLY D 192 5.26 -19.47 -42.21
N ASN D 193 4.42 -18.43 -42.17
CA ASN D 193 4.72 -17.07 -42.71
C ASN D 193 5.45 -16.25 -41.64
N PHE D 194 6.65 -15.76 -41.95
CA PHE D 194 7.43 -14.85 -41.07
C PHE D 194 6.58 -13.63 -40.74
N TYR D 195 6.57 -13.26 -39.45
CA TYR D 195 6.28 -11.88 -38.98
C TYR D 195 7.52 -11.04 -39.29
N GLY D 196 7.36 -9.98 -40.08
CA GLY D 196 8.38 -8.94 -40.27
C GLY D 196 9.28 -9.27 -41.45
N PRO D 197 10.22 -8.36 -41.79
CA PRO D 197 11.08 -8.54 -42.97
C PRO D 197 12.22 -9.53 -42.68
N PHE D 198 11.91 -10.82 -42.61
CA PHE D 198 12.86 -11.85 -42.08
C PHE D 198 12.68 -13.17 -42.86
N VAL D 199 13.81 -13.84 -43.10
CA VAL D 199 13.89 -15.18 -43.78
C VAL D 199 14.65 -16.12 -42.85
N ASP D 200 14.34 -17.41 -42.91
CA ASP D 200 14.99 -18.40 -42.02
C ASP D 200 16.36 -18.76 -42.61
N ARG D 201 17.34 -17.88 -42.44
CA ARG D 201 18.76 -18.23 -42.70
C ARG D 201 19.70 -17.34 -41.86
N GLN D 202 20.95 -17.78 -41.80
CA GLN D 202 22.05 -17.35 -40.90
C GLN D 202 22.80 -16.19 -41.55
N THR D 203 22.07 -15.13 -41.90
CA THR D 203 22.56 -13.92 -42.61
C THR D 203 22.55 -12.73 -41.64
N ALA D 204 23.11 -11.60 -42.09
CA ALA D 204 23.23 -10.34 -41.31
C ALA D 204 21.95 -9.50 -41.47
N GLN D 205 20.79 -10.06 -41.17
CA GLN D 205 19.49 -9.31 -41.22
C GLN D 205 19.38 -8.45 -39.95
N ALA D 206 18.73 -7.29 -40.09
CA ALA D 206 18.52 -6.27 -39.04
C ALA D 206 17.02 -6.11 -38.79
N ALA D 207 16.64 -5.94 -37.51
CA ALA D 207 15.28 -5.52 -37.10
C ALA D 207 15.05 -4.07 -37.54
N GLY D 208 13.90 -3.76 -38.11
CA GLY D 208 13.47 -2.38 -38.42
C GLY D 208 13.36 -1.51 -37.18
N THR D 209 13.36 -0.18 -37.35
CA THR D 209 13.18 0.83 -36.26
C THR D 209 11.86 0.53 -35.54
N ASP D 210 11.86 0.59 -34.20
CA ASP D 210 10.70 0.22 -33.35
C ASP D 210 10.06 1.46 -32.70
N THR D 211 8.73 1.45 -32.58
CA THR D 211 7.89 2.49 -31.92
C THR D 211 7.25 1.90 -30.65
N THR D 212 6.76 2.75 -29.75
CA THR D 212 6.04 2.35 -28.51
C THR D 212 4.56 2.09 -28.84
N ILE D 213 3.91 1.17 -28.12
CA ILE D 213 2.50 0.75 -28.39
C ILE D 213 1.59 1.61 -27.54
N THR D 214 1.28 2.81 -28.03
CA THR D 214 0.50 3.85 -27.33
C THR D 214 -0.82 3.27 -26.79
N VAL D 215 -1.54 2.48 -27.59
CA VAL D 215 -2.86 1.90 -27.21
C VAL D 215 -2.68 1.06 -25.93
N ASN D 216 -1.54 0.35 -25.82
CA ASN D 216 -1.22 -0.51 -24.66
C ASN D 216 -0.86 0.33 -23.44
N VAL D 217 -0.07 1.39 -23.64
CA VAL D 217 0.31 2.37 -22.57
C VAL D 217 -0.98 2.86 -21.90
N LEU D 218 -1.94 3.35 -22.68
CA LEU D 218 -3.25 3.89 -22.20
C LEU D 218 -4.00 2.79 -21.44
N ALA D 219 -4.17 1.61 -22.05
CA ALA D 219 -4.75 0.42 -21.38
C ALA D 219 -4.15 0.30 -19.98
N TRP D 220 -2.82 0.40 -19.87
CA TRP D 220 -2.05 0.18 -18.62
C TRP D 220 -2.26 1.32 -17.60
N LEU D 221 -2.41 2.58 -18.07
CA LEU D 221 -2.80 3.72 -17.20
C LEU D 221 -4.23 3.51 -16.66
N TYR D 222 -5.12 3.00 -17.51
CA TYR D 222 -6.51 2.60 -17.12
C TYR D 222 -6.43 1.46 -16.10
N ALA D 223 -5.51 0.50 -16.27
CA ALA D 223 -5.30 -0.61 -15.32
C ALA D 223 -4.79 -0.02 -14.00
N ALA D 224 -4.10 1.13 -14.05
CA ALA D 224 -3.54 1.84 -12.88
C ALA D 224 -4.65 2.47 -12.04
N VAL D 225 -5.65 3.12 -12.68
CA VAL D 225 -6.74 3.87 -11.99
C VAL D 225 -7.71 2.85 -11.37
N ILE D 226 -8.02 1.78 -12.10
CA ILE D 226 -8.79 0.60 -11.57
C ILE D 226 -8.18 0.16 -10.23
N ASN D 227 -6.85 0.14 -10.12
CA ASN D 227 -6.13 -0.46 -8.97
C ASN D 227 -5.81 0.60 -7.92
N GLY D 228 -6.24 1.86 -8.11
CA GLY D 228 -6.06 2.96 -7.16
C GLY D 228 -4.73 3.67 -7.32
N ASP D 229 -4.33 3.95 -8.57
CA ASP D 229 -3.24 4.90 -8.94
C ASP D 229 -3.86 6.04 -9.76
N ARG D 230 -4.03 7.22 -9.17
CA ARG D 230 -4.84 8.33 -9.74
C ARG D 230 -4.01 9.61 -9.92
N TRP D 231 -2.80 9.65 -9.39
CA TRP D 231 -1.99 10.88 -9.19
C TRP D 231 -1.47 11.44 -10.51
N PHE D 232 -1.39 10.62 -11.56
CA PHE D 232 -0.97 11.02 -12.93
C PHE D 232 -2.16 11.60 -13.71
N LEU D 233 -3.41 11.38 -13.25
CA LEU D 233 -4.63 11.99 -13.85
C LEU D 233 -4.65 13.49 -13.52
N ASN D 234 -4.70 14.34 -14.54
CA ASN D 234 -4.76 15.82 -14.41
C ASN D 234 -6.16 16.31 -14.78
N ARG D 235 -6.52 17.51 -14.32
CA ARG D 235 -7.82 18.19 -14.60
C ARG D 235 -7.85 18.67 -16.06
N PHE D 236 -6.68 18.99 -16.65
CA PHE D 236 -6.50 19.45 -18.04
C PHE D 236 -7.17 18.48 -19.01
N THR D 237 -7.62 18.98 -20.16
CA THR D 237 -8.15 18.19 -21.32
C THR D 237 -7.31 18.52 -22.55
N THR D 238 -7.09 17.54 -23.42
CA THR D 238 -6.40 17.68 -24.73
C THR D 238 -7.28 17.11 -25.84
N THR D 239 -6.70 16.89 -27.02
CA THR D 239 -7.38 16.33 -28.23
C THR D 239 -6.54 15.18 -28.79
N LEU D 240 -7.13 14.42 -29.73
CA LEU D 240 -6.46 13.34 -30.50
C LEU D 240 -5.27 13.91 -31.25
N ASN D 241 -5.47 15.05 -31.94
CA ASN D 241 -4.49 15.66 -32.87
C ASN D 241 -3.31 16.25 -32.09
N ASP D 242 -3.60 17.10 -31.09
CA ASP D 242 -2.57 17.78 -30.25
C ASP D 242 -1.73 16.75 -29.49
N PHE D 243 -2.31 15.57 -29.20
CA PHE D 243 -1.66 14.44 -28.50
C PHE D 243 -0.60 13.78 -29.40
N ASN D 244 -0.93 13.52 -30.67
CA ASN D 244 -0.07 12.78 -31.63
C ASN D 244 1.19 13.60 -31.96
N LEU D 245 1.05 14.90 -32.24
CA LEU D 245 2.19 15.82 -32.49
C LEU D 245 3.13 15.78 -31.29
N VAL D 246 2.57 15.60 -30.08
CA VAL D 246 3.31 15.25 -28.83
C VAL D 246 3.39 13.72 -28.76
N ASN D 251 8.61 9.12 -29.81
CA ASN D 251 8.61 7.92 -30.69
C ASN D 251 7.52 6.94 -30.18
N TYR D 252 6.24 7.26 -30.46
CA TYR D 252 5.02 6.50 -30.07
C TYR D 252 4.17 6.22 -31.31
N GLU D 253 3.49 5.06 -31.34
CA GLU D 253 2.53 4.64 -32.40
C GLU D 253 1.49 5.72 -32.65
N PRO D 254 1.16 6.06 -33.92
CA PRO D 254 0.06 6.98 -34.22
C PRO D 254 -1.29 6.45 -33.68
N LEU D 255 -1.82 7.09 -32.63
CA LEU D 255 -3.12 6.70 -31.99
C LEU D 255 -4.27 7.03 -32.96
N THR D 256 -5.13 6.05 -33.23
CA THR D 256 -6.26 6.12 -34.19
C THR D 256 -7.56 6.28 -33.40
N GLN D 257 -8.69 6.38 -34.12
CA GLN D 257 -10.07 6.45 -33.54
C GLN D 257 -10.49 5.04 -33.10
N ASP D 258 -9.86 4.00 -33.64
CA ASP D 258 -10.13 2.57 -33.32
C ASP D 258 -9.57 2.25 -31.92
N HIS D 259 -8.42 2.82 -31.56
CA HIS D 259 -7.81 2.70 -30.20
C HIS D 259 -8.81 3.21 -29.16
N VAL D 260 -9.37 4.39 -29.39
CA VAL D 260 -10.43 5.02 -28.53
C VAL D 260 -11.67 4.11 -28.49
N ASP D 261 -11.93 3.32 -29.54
CA ASP D 261 -13.12 2.44 -29.66
C ASP D 261 -12.97 1.21 -28.76
N ILE D 262 -11.78 0.59 -28.72
CA ILE D 262 -11.48 -0.62 -27.90
C ILE D 262 -11.04 -0.20 -26.48
N LEU D 263 -10.66 1.07 -26.27
CA LEU D 263 -10.43 1.65 -24.93
C LEU D 263 -11.76 2.09 -24.32
N GLY D 264 -12.86 2.01 -25.10
CA GLY D 264 -14.25 2.29 -24.68
C GLY D 264 -14.67 1.56 -23.41
N PRO D 265 -14.50 0.22 -23.31
CA PRO D 265 -14.88 -0.53 -22.10
C PRO D 265 -14.06 -0.22 -20.84
N LEU D 266 -12.85 0.37 -20.97
CA LEU D 266 -11.99 0.78 -19.83
C LEU D 266 -12.31 2.23 -19.46
N SER D 267 -12.59 3.07 -20.46
CA SER D 267 -13.04 4.48 -20.29
C SER D 267 -14.30 4.52 -19.41
N ALA D 268 -15.28 3.67 -19.71
CA ALA D 268 -16.61 3.64 -19.04
C ALA D 268 -16.43 3.27 -17.56
N GLN D 269 -15.88 2.08 -17.31
CA GLN D 269 -15.70 1.47 -15.96
C GLN D 269 -14.94 2.44 -15.04
N THR D 270 -13.99 3.21 -15.57
CA THR D 270 -13.17 4.18 -14.79
C THR D 270 -13.86 5.55 -14.78
N GLY D 271 -14.37 6.00 -15.94
CA GLY D 271 -14.99 7.32 -16.13
C GLY D 271 -14.09 8.24 -16.94
N ILE D 272 -12.96 8.66 -16.36
CA ILE D 272 -11.90 9.45 -17.05
C ILE D 272 -11.88 8.99 -18.53
N ALA D 273 -12.14 9.93 -19.44
CA ALA D 273 -12.25 9.71 -20.90
C ALA D 273 -10.87 9.40 -21.50
N VAL D 274 -10.84 9.03 -22.78
CA VAL D 274 -9.64 8.51 -23.48
C VAL D 274 -8.73 9.68 -23.88
N LEU D 275 -9.31 10.84 -24.22
CA LEU D 275 -8.58 12.09 -24.55
C LEU D 275 -8.11 12.77 -23.25
N ASP D 276 -8.71 12.42 -22.10
CA ASP D 276 -8.32 12.93 -20.76
C ASP D 276 -7.11 12.13 -20.25
N MET D 277 -7.16 10.80 -20.34
CA MET D 277 -6.02 9.89 -20.03
C MET D 277 -4.80 10.27 -20.89
N CYS D 278 -5.03 10.61 -22.18
CA CYS D 278 -4.00 11.15 -23.11
C CYS D 278 -3.28 12.34 -22.45
N ALA D 279 -4.05 13.28 -21.88
CA ALA D 279 -3.54 14.49 -21.18
C ALA D 279 -2.57 14.08 -20.07
N SER D 280 -2.87 13.01 -19.34
CA SER D 280 -2.08 12.50 -18.19
C SER D 280 -0.80 11.79 -18.67
N LEU D 281 -0.80 11.29 -19.91
CA LEU D 281 0.38 10.67 -20.58
C LEU D 281 1.35 11.78 -21.00
N LYS D 282 0.85 12.77 -21.77
CA LYS D 282 1.60 13.97 -22.24
C LYS D 282 2.52 14.50 -21.14
N GLU D 283 1.95 14.78 -19.94
CA GLU D 283 2.68 15.19 -18.72
C GLU D 283 3.60 14.05 -18.27
N LEU D 285 5.23 11.95 -20.22
CA LEU D 285 6.27 12.01 -21.29
C LEU D 285 7.24 13.16 -20.99
N GLN D 286 6.75 14.39 -20.99
CA GLN D 286 7.55 15.65 -20.99
C GLN D 286 8.22 15.84 -19.63
N ASN D 287 7.51 15.53 -18.54
CA ASN D 287 8.00 15.67 -17.15
C ASN D 287 8.75 14.39 -16.74
N GLY D 288 8.04 13.25 -16.72
CA GLY D 288 8.55 11.95 -16.21
C GLY D 288 7.77 11.51 -14.98
N MET D 289 8.45 10.93 -13.98
CA MET D 289 7.86 10.48 -12.68
C MET D 289 8.71 11.00 -11.52
N ARG D 292 8.11 8.81 -8.63
N ARG D 292 8.24 8.61 -8.35
CA ARG D 292 6.83 8.09 -8.34
CA ARG D 292 6.86 8.07 -8.31
C ARG D 292 6.82 6.78 -9.13
C ARG D 292 6.82 6.78 -9.13
N THR D 293 5.93 5.84 -8.76
CA THR D 293 5.85 4.48 -9.37
C THR D 293 4.41 4.12 -9.74
N ILE D 294 4.15 3.92 -11.05
CA ILE D 294 2.85 3.44 -11.59
C ILE D 294 2.85 1.91 -11.56
N LEU D 295 2.10 1.29 -10.63
CA LEU D 295 1.92 -0.18 -10.56
C LEU D 295 3.28 -0.86 -10.39
N GLY D 296 4.04 -0.45 -9.37
CA GLY D 296 5.38 -0.99 -9.05
C GLY D 296 6.35 -0.83 -10.20
N SER D 297 6.09 0.13 -11.11
CA SER D 297 6.94 0.44 -12.29
C SER D 297 7.27 1.94 -12.30
N ALA D 298 8.46 2.31 -12.77
CA ALA D 298 8.86 3.72 -13.04
C ALA D 298 9.22 3.90 -14.52
N LEU D 299 8.74 3.00 -15.38
CA LEU D 299 8.64 3.19 -16.86
C LEU D 299 7.17 3.20 -17.26
N LEU D 300 6.90 3.63 -18.49
CA LEU D 300 5.59 3.49 -19.18
C LEU D 300 5.55 2.13 -19.90
N GLU D 301 4.73 1.20 -19.41
CA GLU D 301 4.66 -0.22 -19.88
C GLU D 301 3.72 -0.32 -21.08
N ASP D 302 4.17 -0.99 -22.16
CA ASP D 302 3.40 -1.10 -23.43
C ASP D 302 3.08 -2.56 -23.78
N GLU D 303 3.24 -3.50 -22.85
CA GLU D 303 3.01 -4.95 -23.12
C GLU D 303 1.78 -5.43 -22.35
N PHE D 304 0.78 -4.56 -22.20
CA PHE D 304 -0.60 -4.89 -21.77
C PHE D 304 -1.61 -4.33 -22.77
N THR D 305 -2.39 -5.21 -23.42
CA THR D 305 -3.55 -4.85 -24.28
C THR D 305 -4.72 -4.55 -23.35
N PRO D 306 -5.81 -3.88 -23.81
CA PRO D 306 -7.01 -3.72 -23.00
C PRO D 306 -7.62 -5.03 -22.50
N PHE D 307 -7.63 -6.10 -23.32
CA PHE D 307 -8.09 -7.44 -22.90
C PHE D 307 -7.18 -7.99 -21.78
N ASP D 308 -5.86 -7.77 -21.87
CA ASP D 308 -4.90 -8.21 -20.82
C ASP D 308 -5.30 -7.57 -19.48
N VAL D 309 -5.53 -6.26 -19.51
CA VAL D 309 -5.96 -5.44 -18.33
C VAL D 309 -7.22 -6.08 -17.73
N VAL D 310 -8.24 -6.30 -18.57
CA VAL D 310 -9.62 -6.73 -18.13
C VAL D 310 -9.54 -8.16 -17.59
N ARG D 311 -8.93 -9.09 -18.33
CA ARG D 311 -8.61 -10.47 -17.87
C ARG D 311 -8.07 -10.45 -16.44
N GLN D 312 -6.93 -9.78 -16.19
CA GLN D 312 -6.22 -9.79 -14.88
C GLN D 312 -7.12 -9.14 -13.82
N CYS D 313 -7.57 -7.91 -14.06
CA CYS D 313 -8.30 -7.13 -13.03
C CYS D 313 -9.64 -7.79 -12.66
N SER D 314 -10.28 -8.59 -13.54
CA SER D 314 -11.57 -9.26 -13.24
C SER D 314 -11.43 -10.78 -13.07
N GLY D 315 -10.20 -11.30 -12.92
CA GLY D 315 -9.89 -12.70 -12.57
C GLY D 315 -10.69 -13.69 -13.42
N VAL D 316 -10.59 -13.55 -14.75
CA VAL D 316 -11.21 -14.43 -15.77
C VAL D 316 -10.43 -15.75 -15.74
N THR D 317 -11.14 -16.89 -15.58
CA THR D 317 -10.57 -18.26 -15.57
C THR D 317 -10.94 -18.96 -16.90
N PHE D 318 -10.23 -20.05 -17.24
CA PHE D 318 -10.34 -20.75 -18.55
C PHE D 318 -10.69 -22.23 -18.35
N LYS E 1 27.07 -11.02 -35.42
CA LYS E 1 26.65 -10.12 -36.53
C LYS E 1 25.55 -10.77 -37.40
N LEU E 2 25.39 -12.09 -37.31
CA LEU E 2 24.46 -12.90 -38.17
C LEU E 2 23.30 -13.44 -37.33
N ALA E 3 22.15 -13.71 -37.97
CA ALA E 3 20.93 -14.29 -37.36
C ALA E 3 21.20 -15.73 -36.93
N GLN E 4 20.77 -16.10 -35.72
CA GLN E 4 20.87 -17.47 -35.18
C GLN E 4 19.49 -18.14 -35.27
N LEU E 5 19.34 -19.13 -36.14
CA LEU E 5 18.21 -20.10 -36.13
C LEU E 5 18.39 -21.04 -34.94
N GLN E 6 17.47 -21.03 -33.98
CA GLN E 6 17.72 -21.50 -32.59
C GLN E 6 17.36 -22.99 -32.42
N VAL E 7 17.92 -23.85 -33.28
CA VAL E 7 18.00 -25.32 -33.09
C VAL E 7 19.17 -25.63 -32.15
N ALA E 8 19.08 -26.74 -31.42
CA ALA E 8 20.19 -27.37 -30.65
C ALA E 8 20.72 -28.53 -31.48
N TYR E 9 21.89 -29.10 -31.13
CA TYR E 9 22.54 -30.20 -31.87
C TYR E 9 22.72 -31.42 -30.94
N HIS E 10 22.11 -32.55 -31.34
CA HIS E 10 22.28 -33.94 -30.79
C HIS E 10 21.08 -34.31 -29.92
N SER F 14 19.34 -15.58 -26.11
CA SER F 14 19.51 -14.45 -25.13
C SER F 14 18.11 -13.87 -24.78
N GLY F 15 18.08 -12.72 -24.11
CA GLY F 15 16.84 -12.12 -23.54
C GLY F 15 16.68 -12.50 -22.09
N PHE F 16 15.78 -11.82 -21.38
CA PHE F 16 15.58 -11.99 -19.91
C PHE F 16 14.19 -11.49 -19.51
N ARG F 17 13.29 -12.41 -19.13
CA ARG F 17 11.89 -12.10 -18.73
C ARG F 17 11.63 -12.65 -17.34
N LYS F 18 10.57 -12.15 -16.67
CA LYS F 18 10.10 -12.73 -15.39
C LYS F 18 9.40 -14.04 -15.78
N MET F 19 10.07 -15.17 -15.58
CA MET F 19 9.66 -16.48 -16.14
C MET F 19 9.07 -17.39 -15.05
N ALA F 20 7.81 -17.79 -15.24
CA ALA F 20 7.15 -18.82 -14.41
C ALA F 20 7.49 -20.21 -14.95
N PHE F 21 7.50 -21.21 -14.07
CA PHE F 21 7.45 -22.64 -14.46
C PHE F 21 6.11 -22.89 -15.16
N PRO F 22 6.05 -23.76 -16.20
CA PRO F 22 4.77 -24.17 -16.77
C PRO F 22 3.88 -24.77 -15.67
N SER F 23 2.57 -24.51 -15.76
CA SER F 23 1.55 -24.65 -14.69
C SER F 23 0.66 -25.87 -14.93
N GLY F 24 0.86 -26.59 -16.05
CA GLY F 24 0.06 -27.76 -16.45
C GLY F 24 -0.11 -28.78 -15.33
N LYS F 25 0.99 -29.13 -14.65
CA LYS F 25 1.06 -30.23 -13.65
C LYS F 25 0.37 -29.80 -12.36
N VAL F 26 0.24 -28.48 -12.12
CA VAL F 26 -0.57 -27.86 -11.03
C VAL F 26 -2.05 -27.74 -11.46
N GLU F 27 -2.34 -27.41 -12.74
CA GLU F 27 -3.72 -27.24 -13.26
C GLU F 27 -4.53 -28.52 -13.03
N GLY F 28 -3.88 -29.70 -13.15
CA GLY F 28 -4.51 -31.03 -12.96
C GLY F 28 -4.77 -31.36 -11.49
N CYS F 29 -4.31 -30.52 -10.57
CA CYS F 29 -4.53 -30.67 -9.10
C CYS F 29 -5.61 -29.68 -8.58
N MET F 30 -5.92 -28.60 -9.30
CA MET F 30 -6.78 -27.51 -8.77
C MET F 30 -8.23 -28.00 -8.69
N VAL F 31 -8.89 -27.78 -7.55
CA VAL F 31 -10.36 -28.01 -7.36
C VAL F 31 -10.99 -26.85 -6.61
N GLN F 32 -12.33 -26.87 -6.59
CA GLN F 32 -13.24 -25.95 -5.88
C GLN F 32 -13.77 -26.64 -4.62
N VAL F 33 -13.57 -26.00 -3.46
CA VAL F 33 -14.09 -26.42 -2.13
C VAL F 33 -15.06 -25.34 -1.65
N THR F 34 -16.33 -25.72 -1.49
CA THR F 34 -17.38 -24.87 -0.88
C THR F 34 -17.69 -25.45 0.50
N CYS F 35 -17.80 -24.59 1.51
CA CYS F 35 -18.44 -24.87 2.82
C CYS F 35 -19.32 -23.67 3.18
N GLY F 36 -20.63 -23.89 3.34
CA GLY F 36 -21.63 -22.82 3.53
C GLY F 36 -21.66 -21.87 2.34
N THR F 37 -21.43 -20.58 2.59
CA THR F 37 -21.45 -19.50 1.55
C THR F 37 -20.11 -19.41 0.84
N THR F 38 -19.01 -19.65 1.57
CA THR F 38 -17.61 -19.44 1.09
C THR F 38 -17.20 -20.56 0.14
N THR F 39 -16.62 -20.18 -1.01
CA THR F 39 -15.99 -21.07 -2.00
C THR F 39 -14.55 -20.62 -2.23
N LEU F 40 -13.59 -21.55 -2.25
CA LEU F 40 -12.17 -21.27 -2.57
C LEU F 40 -11.54 -22.45 -3.31
N ASN F 41 -10.23 -22.37 -3.57
CA ASN F 41 -9.48 -23.32 -4.43
C ASN F 41 -8.82 -24.37 -3.54
N GLY F 42 -9.01 -25.65 -3.85
CA GLY F 42 -8.30 -26.75 -3.17
C GLY F 42 -7.21 -27.34 -4.06
N LEU F 43 -6.22 -27.97 -3.44
CA LEU F 43 -5.14 -28.73 -4.11
C LEU F 43 -5.42 -30.22 -3.94
N TRP F 44 -5.75 -30.90 -5.04
CA TRP F 44 -6.08 -32.36 -5.09
C TRP F 44 -4.83 -33.17 -5.42
N LEU F 45 -4.23 -33.84 -4.42
CA LEU F 45 -3.10 -34.79 -4.57
C LEU F 45 -3.49 -36.16 -4.02
N ASP F 46 -3.28 -37.21 -4.81
CA ASP F 46 -3.76 -38.57 -4.50
C ASP F 46 -5.22 -38.40 -4.05
N ASP F 47 -5.58 -38.82 -2.82
CA ASP F 47 -7.00 -38.88 -2.38
C ASP F 47 -7.29 -37.78 -1.34
N VAL F 48 -6.50 -36.70 -1.32
CA VAL F 48 -6.58 -35.62 -0.30
C VAL F 48 -6.66 -34.26 -1.02
N VAL F 49 -7.58 -33.38 -0.59
CA VAL F 49 -7.69 -31.97 -1.05
C VAL F 49 -7.19 -31.07 0.09
N TYR F 50 -6.16 -30.26 -0.16
CA TYR F 50 -5.59 -29.22 0.74
C TYR F 50 -6.17 -27.85 0.36
N CYS F 51 -6.74 -27.13 1.33
CA CYS F 51 -7.29 -25.74 1.18
C CYS F 51 -7.14 -25.01 2.52
N PRO F 52 -7.12 -23.66 2.52
CA PRO F 52 -7.10 -22.88 3.75
C PRO F 52 -8.27 -23.27 4.67
N ARG F 53 -8.05 -23.51 5.97
CA ARG F 53 -9.07 -23.93 6.98
C ARG F 53 -10.14 -22.83 7.15
N HIS F 54 -9.89 -21.59 6.70
CA HIS F 54 -10.81 -20.43 6.90
C HIS F 54 -12.11 -20.61 6.07
N VAL F 55 -12.20 -21.66 5.25
CA VAL F 55 -13.42 -22.02 4.45
C VAL F 55 -14.58 -22.41 5.38
N ILE F 56 -14.31 -22.90 6.59
CA ILE F 56 -15.36 -23.45 7.50
C ILE F 56 -15.90 -22.36 8.45
N CYS F 57 -15.44 -21.11 8.28
CA CYS F 57 -15.75 -19.97 9.18
C CYS F 57 -16.74 -19.03 8.49
N THR F 58 -17.76 -18.55 9.23
CA THR F 58 -18.63 -17.42 8.81
C THR F 58 -17.90 -16.12 9.19
N SER F 59 -18.44 -14.97 8.80
CA SER F 59 -17.82 -13.65 9.05
C SER F 59 -17.78 -13.35 10.55
N GLU F 60 -18.70 -13.92 11.35
CA GLU F 60 -18.68 -13.80 12.83
C GLU F 60 -17.53 -14.66 13.40
N ASP F 61 -17.46 -15.95 13.02
CA ASP F 61 -16.42 -16.90 13.47
C ASP F 61 -15.03 -16.27 13.27
N MET F 62 -14.79 -15.68 12.08
CA MET F 62 -13.46 -15.14 11.67
C MET F 62 -12.93 -14.11 12.70
N LEU F 63 -13.78 -13.50 13.54
CA LEU F 63 -13.30 -12.57 14.61
C LEU F 63 -12.53 -13.37 15.67
N ASN F 64 -13.02 -14.56 16.01
CA ASN F 64 -12.41 -15.43 17.05
C ASN F 64 -12.65 -16.88 16.62
N PRO F 65 -11.97 -17.34 15.56
CA PRO F 65 -12.19 -18.68 15.08
C PRO F 65 -11.56 -19.59 16.13
N ASN F 66 -12.36 -20.52 16.65
CA ASN F 66 -11.88 -21.61 17.53
C ASN F 66 -11.90 -22.86 16.63
N TYR F 67 -10.83 -23.04 15.85
CA TYR F 67 -10.82 -23.90 14.65
C TYR F 67 -11.00 -25.37 15.04
N GLU F 68 -10.33 -25.82 16.13
CA GLU F 68 -10.34 -27.23 16.60
C GLU F 68 -11.80 -27.60 16.89
N ASP F 69 -12.53 -26.72 17.57
CA ASP F 69 -13.94 -26.95 17.99
C ASP F 69 -14.88 -26.70 16.80
N LEU F 70 -14.61 -25.68 15.96
CA LEU F 70 -15.43 -25.38 14.75
C LEU F 70 -15.50 -26.63 13.85
N LEU F 71 -14.33 -27.23 13.55
CA LEU F 71 -14.24 -28.38 12.61
C LEU F 71 -14.91 -29.64 13.20
N ILE F 72 -15.05 -29.74 14.52
CA ILE F 72 -15.74 -30.89 15.19
C ILE F 72 -17.24 -30.89 14.82
N ARG F 73 -17.85 -29.72 14.61
CA ARG F 73 -19.29 -29.58 14.26
C ARG F 73 -19.50 -29.88 12.77
N LYS F 74 -18.45 -29.72 11.97
CA LYS F 74 -18.48 -30.03 10.52
C LYS F 74 -18.54 -31.56 10.36
N SER F 75 -19.49 -32.05 9.55
CA SER F 75 -19.51 -33.42 9.00
C SER F 75 -18.92 -33.38 7.58
N ASN F 76 -18.60 -34.54 7.02
CA ASN F 76 -17.96 -34.67 5.67
C ASN F 76 -18.84 -34.02 4.61
N HIS F 77 -20.17 -34.15 4.70
CA HIS F 77 -21.14 -33.72 3.65
C HIS F 77 -21.28 -32.18 3.62
N ASN F 78 -20.89 -31.48 4.68
CA ASN F 78 -20.83 -29.99 4.74
C ASN F 78 -19.82 -29.43 3.73
N PHE F 79 -18.97 -30.30 3.16
CA PHE F 79 -17.87 -29.95 2.23
C PHE F 79 -18.22 -30.44 0.81
N LEU F 80 -18.50 -29.51 -0.11
CA LEU F 80 -18.67 -29.79 -1.56
C LEU F 80 -17.33 -29.60 -2.26
N VAL F 81 -16.74 -30.69 -2.77
CA VAL F 81 -15.50 -30.66 -3.59
C VAL F 81 -15.85 -30.96 -5.05
N GLN F 82 -15.44 -30.11 -6.00
CA GLN F 82 -15.64 -30.32 -7.47
C GLN F 82 -14.31 -30.14 -8.22
N ALA F 83 -13.89 -31.16 -8.97
CA ALA F 83 -12.74 -31.10 -9.90
C ALA F 83 -13.27 -30.81 -11.30
N GLY F 84 -13.76 -29.58 -11.52
CA GLY F 84 -14.49 -29.19 -12.74
C GLY F 84 -15.91 -29.72 -12.73
N ASN F 85 -16.24 -30.61 -13.68
CA ASN F 85 -17.62 -31.12 -13.91
C ASN F 85 -18.06 -32.03 -12.75
N VAL F 86 -17.14 -32.88 -12.22
CA VAL F 86 -17.44 -34.01 -11.29
C VAL F 86 -17.34 -33.57 -9.82
N GLN F 87 -18.23 -34.06 -8.95
CA GLN F 87 -18.19 -33.90 -7.48
C GLN F 87 -17.39 -35.05 -6.85
N LEU F 88 -16.28 -34.74 -6.17
CA LEU F 88 -15.51 -35.68 -5.31
C LEU F 88 -16.18 -35.74 -3.94
N ARG F 89 -16.52 -36.94 -3.45
CA ARG F 89 -17.17 -37.11 -2.13
C ARG F 89 -16.08 -37.03 -1.05
N VAL F 90 -16.33 -36.24 0.01
CA VAL F 90 -15.45 -36.18 1.21
C VAL F 90 -15.82 -37.35 2.12
N ILE F 91 -14.83 -38.12 2.53
CA ILE F 91 -14.97 -39.33 3.40
C ILE F 91 -14.16 -39.14 4.69
N GLY F 92 -13.60 -37.95 4.89
CA GLY F 92 -12.76 -37.61 6.06
C GLY F 92 -12.32 -36.17 6.01
N HIS F 93 -12.36 -35.48 7.15
CA HIS F 93 -11.95 -34.05 7.28
C HIS F 93 -11.06 -33.91 8.52
N SER F 94 -9.96 -33.18 8.37
CA SER F 94 -8.96 -32.95 9.45
C SER F 94 -8.15 -31.70 9.14
N MET F 95 -7.40 -31.23 10.13
CA MET F 95 -6.66 -29.96 10.08
C MET F 95 -5.19 -30.26 10.38
N GLN F 96 -4.28 -29.69 9.59
CA GLN F 96 -2.84 -29.65 9.90
C GLN F 96 -2.40 -28.18 9.87
N ASN F 97 -2.31 -27.55 11.05
CA ASN F 97 -2.02 -26.10 11.22
C ASN F 97 -3.17 -25.31 10.58
N CYS F 98 -2.87 -24.37 9.67
CA CYS F 98 -3.92 -23.49 9.07
C CYS F 98 -4.37 -24.05 7.72
N VAL F 99 -4.31 -25.37 7.53
CA VAL F 99 -4.76 -26.02 6.27
C VAL F 99 -5.56 -27.29 6.58
N LEU F 100 -6.75 -27.32 5.98
CA LEU F 100 -7.70 -28.44 5.93
C LEU F 100 -7.09 -29.51 5.01
N LYS F 101 -7.22 -30.77 5.42
CA LYS F 101 -7.03 -31.98 4.58
C LYS F 101 -8.41 -32.64 4.46
N LEU F 102 -9.00 -32.63 3.26
CA LEU F 102 -10.30 -33.27 2.93
C LEU F 102 -10.04 -34.55 2.16
N LYS F 103 -10.11 -35.71 2.84
CA LYS F 103 -9.92 -37.06 2.22
C LYS F 103 -11.15 -37.36 1.36
N VAL F 104 -10.92 -37.69 0.09
CA VAL F 104 -12.01 -37.95 -0.91
C VAL F 104 -11.92 -39.41 -1.32
N ASP F 105 -12.96 -39.94 -1.98
CA ASP F 105 -13.08 -41.40 -2.32
C ASP F 105 -12.28 -41.76 -3.58
N THR F 106 -11.87 -40.77 -4.40
CA THR F 106 -11.10 -40.99 -5.66
C THR F 106 -9.75 -40.28 -5.60
N ALA F 107 -8.66 -41.04 -5.78
CA ALA F 107 -7.27 -40.55 -5.98
C ALA F 107 -7.21 -39.76 -7.29
N ASN F 108 -6.50 -38.63 -7.32
CA ASN F 108 -6.33 -37.79 -8.53
C ASN F 108 -5.46 -38.51 -9.56
N PRO F 109 -6.02 -38.95 -10.72
CA PRO F 109 -5.21 -39.61 -11.74
C PRO F 109 -4.04 -38.76 -12.27
N LYS F 110 -4.18 -37.43 -12.23
CA LYS F 110 -3.16 -36.46 -12.75
C LYS F 110 -2.13 -36.10 -11.67
N THR F 111 -2.15 -36.75 -10.49
CA THR F 111 -1.22 -36.44 -9.36
C THR F 111 0.23 -36.55 -9.83
N PRO F 112 0.99 -35.44 -9.90
CA PRO F 112 2.39 -35.49 -10.33
C PRO F 112 3.34 -35.89 -9.19
N LYS F 113 4.59 -36.25 -9.53
CA LYS F 113 5.70 -36.29 -8.54
C LYS F 113 5.70 -34.93 -7.86
N TYR F 114 5.69 -34.90 -6.53
CA TYR F 114 5.59 -33.63 -5.76
C TYR F 114 6.35 -33.75 -4.44
N LYS F 115 6.73 -32.61 -3.86
CA LYS F 115 6.86 -32.50 -2.38
C LYS F 115 6.45 -31.11 -1.89
N PHE F 116 6.28 -31.01 -0.57
CA PHE F 116 6.00 -29.77 0.18
C PHE F 116 7.32 -29.24 0.71
N VAL F 117 7.71 -28.01 0.33
CA VAL F 117 8.97 -27.37 0.80
C VAL F 117 8.64 -25.99 1.38
N ARG F 118 9.45 -25.53 2.34
CA ARG F 118 9.37 -24.19 2.96
C ARG F 118 10.48 -23.30 2.38
N ILE F 119 10.11 -22.26 1.64
CA ILE F 119 11.06 -21.35 0.94
C ILE F 119 11.63 -20.32 1.92
N GLN F 120 12.81 -19.79 1.61
CA GLN F 120 13.49 -18.69 2.33
C GLN F 120 13.04 -17.36 1.75
N PRO F 121 13.01 -16.27 2.56
CA PRO F 121 12.90 -14.91 2.03
C PRO F 121 14.15 -14.56 1.21
N GLY F 122 13.96 -14.02 0.01
CA GLY F 122 15.00 -13.94 -1.04
C GLY F 122 14.67 -14.84 -2.21
N GLN F 123 13.98 -15.97 -1.95
CA GLN F 123 13.76 -17.04 -2.97
C GLN F 123 12.47 -16.76 -3.74
N THR F 124 12.38 -17.35 -4.94
CA THR F 124 11.31 -17.12 -5.93
C THR F 124 10.49 -18.40 -6.09
N PHE F 125 9.27 -18.29 -6.63
CA PHE F 125 8.38 -19.42 -6.96
C PHE F 125 7.33 -18.94 -7.94
N SER F 126 6.69 -19.88 -8.64
CA SER F 126 5.61 -19.58 -9.60
C SER F 126 4.29 -19.54 -8.83
N VAL F 127 3.35 -18.70 -9.25
CA VAL F 127 1.97 -18.68 -8.70
C VAL F 127 0.99 -18.93 -9.84
N LEU F 128 0.14 -19.93 -9.66
CA LEU F 128 -1.06 -20.17 -10.48
C LEU F 128 -2.25 -19.53 -9.76
N ALA F 129 -2.73 -18.39 -10.28
CA ALA F 129 -3.90 -17.64 -9.76
C ALA F 129 -5.17 -18.37 -10.22
N CYS F 130 -6.06 -18.71 -9.28
CA CYS F 130 -7.22 -19.60 -9.53
C CYS F 130 -8.48 -19.05 -8.82
N TYR F 131 -9.63 -19.24 -9.47
CA TYR F 131 -10.98 -18.90 -8.92
C TYR F 131 -11.93 -20.02 -9.34
N ASN F 132 -12.72 -20.53 -8.39
CA ASN F 132 -13.75 -21.58 -8.61
C ASN F 132 -13.05 -22.86 -9.07
N GLY F 133 -11.85 -23.11 -8.54
CA GLY F 133 -11.00 -24.26 -8.88
C GLY F 133 -10.54 -24.24 -10.34
N SER F 134 -10.58 -23.08 -11.01
CA SER F 134 -10.17 -22.96 -12.44
C SER F 134 -9.10 -21.90 -12.57
N PRO F 135 -8.16 -22.04 -13.54
CA PRO F 135 -7.03 -21.13 -13.65
C PRO F 135 -7.28 -19.85 -14.47
N SER F 136 -6.71 -18.73 -13.99
CA SER F 136 -6.81 -17.37 -14.59
C SER F 136 -5.49 -16.93 -15.24
N GLY F 137 -4.36 -17.35 -14.68
CA GLY F 137 -3.03 -17.05 -15.23
C GLY F 137 -1.91 -17.45 -14.29
N VAL F 138 -0.68 -17.45 -14.80
CA VAL F 138 0.52 -17.82 -14.01
C VAL F 138 1.44 -16.59 -13.95
N TYR F 139 2.30 -16.53 -12.93
CA TYR F 139 3.33 -15.48 -12.71
C TYR F 139 4.28 -15.86 -11.58
N GLN F 140 5.42 -15.18 -11.55
CA GLN F 140 6.62 -15.48 -10.73
C GLN F 140 6.65 -14.50 -9.54
N CYS F 141 6.97 -15.01 -8.35
CA CYS F 141 6.90 -14.27 -7.05
C CYS F 141 8.17 -14.50 -6.25
N ALA F 142 8.56 -13.55 -5.41
CA ALA F 142 9.63 -13.71 -4.40
C ALA F 142 9.02 -13.58 -3.00
N MET F 143 9.57 -14.35 -2.05
CA MET F 143 9.28 -14.23 -0.61
C MET F 143 10.03 -13.00 -0.11
N ARG F 144 9.32 -11.90 0.17
CA ARG F 144 9.92 -10.62 0.61
C ARG F 144 10.70 -10.86 1.92
N PRO F 145 11.69 -10.04 2.29
CA PRO F 145 12.25 -10.10 3.64
C PRO F 145 11.18 -10.03 4.73
N ASN F 146 10.05 -9.38 4.48
CA ASN F 146 8.95 -9.23 5.47
C ASN F 146 7.98 -10.43 5.43
N PHE F 147 8.30 -11.49 4.66
CA PHE F 147 7.55 -12.77 4.61
C PHE F 147 6.18 -12.59 3.94
N THR F 148 5.98 -11.48 3.24
CA THR F 148 4.78 -11.27 2.39
C THR F 148 5.19 -11.59 0.97
N ILE F 149 4.28 -11.42 0.01
CA ILE F 149 4.58 -11.54 -1.44
C ILE F 149 3.81 -10.41 -2.12
N LYS F 150 4.45 -9.69 -3.05
CA LYS F 150 3.78 -8.63 -3.85
C LYS F 150 2.93 -9.33 -4.92
N GLY F 151 1.82 -9.95 -4.52
CA GLY F 151 1.06 -10.88 -5.36
C GLY F 151 0.13 -10.15 -6.32
N SER F 152 -0.71 -10.92 -7.03
CA SER F 152 -1.86 -10.43 -7.82
C SER F 152 -3.05 -11.37 -7.57
N PHE F 153 -3.83 -11.10 -6.55
CA PHE F 153 -4.97 -11.94 -6.12
C PHE F 153 -6.19 -11.05 -5.90
N LEU F 154 -7.38 -11.59 -6.23
CA LEU F 154 -8.71 -10.98 -5.97
C LEU F 154 -9.45 -11.95 -5.03
N ASN F 155 -10.66 -11.60 -4.58
CA ASN F 155 -11.52 -12.47 -3.73
C ASN F 155 -11.74 -13.78 -4.49
N GLY F 156 -11.76 -14.93 -3.78
CA GLY F 156 -11.84 -16.28 -4.39
C GLY F 156 -10.47 -16.86 -4.78
N SER F 157 -9.35 -16.16 -4.53
CA SER F 157 -7.97 -16.60 -4.91
C SER F 157 -7.37 -17.52 -3.84
N SER F 158 -7.84 -17.47 -2.60
CA SER F 158 -7.34 -18.32 -1.48
C SER F 158 -7.29 -19.77 -1.93
N GLY F 159 -6.20 -20.49 -1.63
CA GLY F 159 -6.03 -21.90 -2.03
C GLY F 159 -5.23 -22.03 -3.33
N SER F 160 -5.07 -20.92 -4.08
CA SER F 160 -4.10 -20.85 -5.21
C SER F 160 -2.75 -21.22 -4.59
N VAL F 161 -1.86 -21.85 -5.35
CA VAL F 161 -0.54 -22.27 -4.80
C VAL F 161 0.60 -21.67 -5.62
N GLY F 162 1.71 -21.50 -4.91
CA GLY F 162 3.03 -21.11 -5.40
C GLY F 162 3.93 -22.33 -5.39
N PHE F 163 4.77 -22.50 -6.41
CA PHE F 163 5.51 -23.77 -6.63
C PHE F 163 6.77 -23.50 -7.47
N ASN F 164 7.66 -24.50 -7.45
CA ASN F 164 8.88 -24.63 -8.27
C ASN F 164 8.91 -26.04 -8.85
N ILE F 165 9.28 -26.17 -10.12
CA ILE F 165 9.37 -27.46 -10.86
C ILE F 165 10.85 -27.75 -11.15
N ASP F 166 11.31 -28.94 -10.79
CA ASP F 166 12.72 -29.38 -10.98
C ASP F 166 12.71 -30.80 -11.56
N TYR F 167 13.30 -30.97 -12.74
CA TYR F 167 13.44 -32.26 -13.46
C TYR F 167 12.05 -32.72 -13.96
N ASP F 168 11.06 -32.71 -13.07
CA ASP F 168 9.67 -33.16 -13.31
C ASP F 168 8.84 -33.06 -12.02
N CYS F 169 9.51 -32.97 -10.85
CA CYS F 169 8.90 -32.83 -9.50
C CYS F 169 8.38 -31.39 -9.29
N VAL F 170 7.09 -31.26 -8.95
CA VAL F 170 6.50 -30.01 -8.42
C VAL F 170 6.85 -29.92 -6.93
N SER F 171 7.58 -28.89 -6.53
CA SER F 171 7.82 -28.52 -5.11
C SER F 171 6.86 -27.36 -4.80
N PHE F 172 5.81 -27.63 -4.02
CA PHE F 172 4.79 -26.66 -3.58
C PHE F 172 5.27 -25.95 -2.30
N CYS F 173 5.53 -24.64 -2.37
CA CYS F 173 6.08 -23.83 -1.25
C CYS F 173 5.03 -22.89 -0.62
N TYR F 174 3.86 -22.71 -1.25
CA TYR F 174 2.90 -21.64 -0.90
C TYR F 174 1.45 -22.05 -1.20
N MET F 175 0.57 -21.74 -0.25
CA MET F 175 -0.89 -21.68 -0.41
C MET F 175 -1.37 -20.30 0.08
N HIS F 176 -2.28 -19.68 -0.65
CA HIS F 176 -2.73 -18.28 -0.43
C HIS F 176 -3.88 -18.27 0.58
N HIS F 177 -3.85 -17.29 1.48
CA HIS F 177 -4.86 -17.12 2.58
C HIS F 177 -5.53 -15.75 2.46
N MET F 178 -4.77 -14.65 2.40
CA MET F 178 -5.36 -13.30 2.60
C MET F 178 -4.43 -12.18 2.13
N GLU F 179 -5.00 -10.98 2.13
CA GLU F 179 -4.33 -9.71 1.80
C GLU F 179 -4.24 -8.87 3.08
N LEU F 180 -3.21 -8.03 3.16
CA LEU F 180 -2.96 -7.10 4.29
C LEU F 180 -3.32 -5.70 3.83
N PRO F 181 -3.40 -4.71 4.74
CA PRO F 181 -3.78 -3.35 4.38
C PRO F 181 -3.00 -2.77 3.19
N THR F 182 -1.68 -2.97 3.15
CA THR F 182 -0.77 -2.38 2.13
C THR F 182 -1.02 -3.00 0.74
N GLY F 183 -1.84 -4.04 0.66
CA GLY F 183 -2.26 -4.64 -0.63
C GLY F 183 -1.35 -5.75 -1.08
N VAL F 184 -0.39 -6.15 -0.22
CA VAL F 184 0.47 -7.36 -0.39
C VAL F 184 -0.27 -8.53 0.25
N HIS F 185 0.33 -9.73 0.18
CA HIS F 185 -0.38 -11.02 0.40
C HIS F 185 0.38 -11.89 1.42
N ALA F 186 -0.38 -12.70 2.16
CA ALA F 186 0.07 -13.60 3.26
C ALA F 186 -0.41 -15.02 2.96
N GLY F 187 0.35 -16.03 3.41
CA GLY F 187 -0.06 -17.44 3.26
C GLY F 187 0.83 -18.40 4.01
N THR F 188 0.55 -19.70 3.83
CA THR F 188 1.19 -20.84 4.52
C THR F 188 2.06 -21.57 3.50
N ASP F 189 3.04 -22.32 4.00
CA ASP F 189 3.60 -23.51 3.31
C ASP F 189 2.47 -24.54 3.29
N LEU F 190 2.72 -25.75 2.78
CA LEU F 190 1.66 -26.77 2.54
C LEU F 190 1.51 -27.67 3.77
N GLU F 191 2.22 -27.37 4.86
CA GLU F 191 2.00 -27.98 6.21
C GLU F 191 1.03 -27.13 7.03
N GLY F 192 0.70 -25.92 6.55
CA GLY F 192 -0.26 -25.00 7.17
C GLY F 192 0.40 -23.92 8.00
N ASN F 193 1.74 -23.93 8.11
CA ASN F 193 2.57 -22.88 8.75
C ASN F 193 2.70 -21.65 7.86
N PHE F 194 2.09 -20.54 8.28
CA PHE F 194 2.28 -19.16 7.73
C PHE F 194 3.76 -18.83 7.62
N TYR F 195 4.14 -18.18 6.51
CA TYR F 195 5.34 -17.32 6.42
C TYR F 195 5.05 -15.97 7.08
N GLY F 196 5.90 -15.57 8.04
CA GLY F 196 5.76 -14.31 8.79
C GLY F 196 4.88 -14.51 10.02
N PRO F 197 4.54 -13.43 10.77
CA PRO F 197 3.83 -13.59 12.02
C PRO F 197 2.31 -13.37 11.86
N PHE F 198 1.74 -13.83 10.75
CA PHE F 198 0.30 -13.65 10.39
C PHE F 198 -0.51 -14.84 10.93
N VAL F 199 -1.82 -14.62 11.16
CA VAL F 199 -2.81 -15.66 11.60
C VAL F 199 -4.07 -15.53 10.74
N ASP F 200 -4.80 -16.63 10.54
CA ASP F 200 -6.07 -16.65 9.77
C ASP F 200 -7.24 -16.37 10.72
N ARG F 201 -7.29 -15.17 11.29
CA ARG F 201 -8.51 -14.58 11.90
C ARG F 201 -8.56 -13.08 11.58
N GLN F 202 -9.77 -12.52 11.56
CA GLN F 202 -10.04 -11.07 11.34
C GLN F 202 -9.62 -10.28 12.58
N THR F 203 -8.35 -9.87 12.63
CA THR F 203 -7.81 -8.86 13.61
C THR F 203 -6.86 -7.94 12.85
N ALA F 204 -6.49 -6.83 13.49
CA ALA F 204 -5.50 -5.86 12.98
C ALA F 204 -4.18 -6.58 12.73
N GLN F 205 -3.78 -6.68 11.47
CA GLN F 205 -2.43 -7.17 11.09
C GLN F 205 -1.84 -6.22 10.06
N ALA F 206 -0.51 -6.13 10.04
CA ALA F 206 0.26 -5.24 9.15
C ALA F 206 1.58 -5.93 8.80
N ALA F 207 1.98 -5.83 7.53
CA ALA F 207 3.29 -6.29 7.02
C ALA F 207 4.40 -5.55 7.76
N GLY F 208 5.52 -6.21 8.07
CA GLY F 208 6.71 -5.54 8.63
C GLY F 208 7.27 -4.48 7.67
N THR F 209 8.38 -3.84 8.03
CA THR F 209 9.15 -2.92 7.15
C THR F 209 10.06 -3.75 6.24
N ASP F 210 9.83 -3.71 4.93
CA ASP F 210 10.58 -4.51 3.93
C ASP F 210 11.94 -3.86 3.65
N THR F 211 12.80 -4.61 2.96
CA THR F 211 14.10 -4.16 2.40
C THR F 211 14.23 -4.70 0.97
N THR F 212 15.12 -4.10 0.19
CA THR F 212 15.55 -4.58 -1.15
C THR F 212 16.57 -5.71 -0.94
N ILE F 213 16.39 -6.84 -1.62
CA ILE F 213 17.27 -8.05 -1.51
C ILE F 213 18.48 -7.78 -2.42
N THR F 214 19.59 -7.31 -1.84
CA THR F 214 20.77 -6.76 -2.56
C THR F 214 21.37 -7.83 -3.46
N VAL F 215 21.43 -9.09 -3.00
CA VAL F 215 22.04 -10.19 -3.78
C VAL F 215 21.23 -10.35 -5.09
N ASN F 216 19.90 -10.27 -5.01
CA ASN F 216 19.01 -10.41 -6.19
C ASN F 216 19.27 -9.26 -7.18
N VAL F 217 19.44 -8.03 -6.70
CA VAL F 217 19.69 -6.84 -7.55
C VAL F 217 21.02 -7.03 -8.29
N LEU F 218 22.06 -7.47 -7.59
CA LEU F 218 23.41 -7.77 -8.15
C LEU F 218 23.31 -8.86 -9.23
N ALA F 219 22.64 -9.96 -8.91
CA ALA F 219 22.35 -11.06 -9.87
C ALA F 219 21.70 -10.48 -11.12
N TRP F 220 20.78 -9.52 -10.95
CA TRP F 220 20.02 -8.90 -12.06
C TRP F 220 20.94 -7.94 -12.81
N LEU F 221 21.85 -7.27 -12.10
CA LEU F 221 22.82 -6.38 -12.77
C LEU F 221 23.69 -7.25 -13.70
N TYR F 222 23.99 -8.47 -13.27
CA TYR F 222 24.84 -9.44 -13.99
C TYR F 222 24.09 -9.97 -15.23
N ALA F 223 22.80 -10.29 -15.07
CA ALA F 223 21.92 -10.69 -16.20
C ALA F 223 21.99 -9.60 -17.26
N ALA F 224 22.00 -8.34 -16.83
CA ALA F 224 21.99 -7.15 -17.71
C ALA F 224 23.30 -7.08 -18.51
N VAL F 225 24.45 -7.23 -17.84
CA VAL F 225 25.76 -7.27 -18.55
C VAL F 225 25.70 -8.38 -19.60
N ILE F 226 25.32 -9.60 -19.18
CA ILE F 226 25.26 -10.80 -20.07
C ILE F 226 24.44 -10.51 -21.31
N ASN F 227 23.33 -9.78 -21.16
CA ASN F 227 22.37 -9.47 -22.26
C ASN F 227 22.71 -8.14 -22.94
N GLY F 228 23.79 -7.46 -22.52
CA GLY F 228 24.46 -6.41 -23.30
C GLY F 228 24.36 -5.02 -22.70
N ASP F 229 23.78 -4.84 -21.50
CA ASP F 229 23.58 -3.50 -20.88
C ASP F 229 24.78 -3.20 -19.97
N ARG F 230 25.58 -2.20 -20.35
CA ARG F 230 26.92 -1.90 -19.76
C ARG F 230 27.01 -0.45 -19.25
N TRP F 231 26.11 0.45 -19.66
CA TRP F 231 26.23 1.91 -19.36
C TRP F 231 26.50 2.15 -17.87
N PHE F 232 25.98 1.30 -16.97
CA PHE F 232 25.99 1.52 -15.50
C PHE F 232 27.29 1.02 -14.85
N LEU F 233 28.24 0.48 -15.62
CA LEU F 233 29.57 0.06 -15.10
C LEU F 233 30.52 1.26 -15.05
N ASN F 234 31.51 1.23 -14.17
CA ASN F 234 32.48 2.34 -13.94
C ASN F 234 33.84 1.77 -13.53
N PHE F 236 35.11 2.64 -10.63
CA PHE F 236 35.19 2.76 -9.14
C PHE F 236 35.09 1.39 -8.48
N THR F 237 35.40 1.32 -7.19
CA THR F 237 35.23 0.10 -6.35
C THR F 237 35.13 0.50 -4.87
N THR F 238 34.89 -0.48 -4.00
CA THR F 238 34.57 -0.31 -2.57
C THR F 238 34.86 -1.62 -1.86
N THR F 239 34.95 -1.58 -0.54
CA THR F 239 34.97 -2.79 0.32
C THR F 239 33.52 -3.21 0.56
N LEU F 240 33.30 -4.45 1.00
CA LEU F 240 31.98 -4.96 1.46
C LEU F 240 31.39 -3.99 2.50
N ASN F 241 32.09 -3.80 3.62
CA ASN F 241 31.66 -3.00 4.80
C ASN F 241 31.35 -1.56 4.36
N ASP F 242 32.13 -1.01 3.44
CA ASP F 242 32.01 0.36 2.87
C ASP F 242 30.72 0.45 2.06
N PHE F 243 30.43 -0.56 1.24
CA PHE F 243 29.20 -0.69 0.42
C PHE F 243 27.98 -0.87 1.35
N ASN F 244 28.11 -1.66 2.41
CA ASN F 244 26.99 -2.00 3.34
C ASN F 244 26.47 -0.73 4.04
N LEU F 245 27.30 0.30 4.19
CA LEU F 245 26.92 1.60 4.80
C LEU F 245 26.00 2.37 3.83
N VAL F 246 26.23 2.26 2.52
CA VAL F 246 25.32 2.84 1.48
C VAL F 246 24.05 1.99 1.47
N ALA F 247 24.20 0.67 1.46
CA ALA F 247 23.08 -0.29 1.51
C ALA F 247 22.17 0.12 2.67
N MET F 248 22.72 0.20 3.89
CA MET F 248 21.95 0.54 5.11
C MET F 248 21.15 1.83 4.86
N LYS F 249 21.79 2.85 4.27
CA LYS F 249 21.14 4.17 3.99
C LYS F 249 19.87 3.98 3.15
N TYR F 250 19.87 3.07 2.17
CA TYR F 250 18.81 2.92 1.13
C TYR F 250 17.86 1.76 1.43
N ASN F 251 17.86 1.23 2.67
CA ASN F 251 17.09 0.02 3.07
C ASN F 251 17.34 -1.10 2.06
N TYR F 252 18.61 -1.52 1.96
CA TYR F 252 19.11 -2.65 1.15
C TYR F 252 19.80 -3.62 2.12
N GLU F 253 19.34 -4.87 2.22
CA GLU F 253 19.93 -5.96 3.05
C GLU F 253 21.45 -5.83 3.06
N PRO F 254 22.11 -6.06 4.22
CA PRO F 254 23.57 -6.20 4.24
C PRO F 254 23.98 -7.39 3.35
N LEU F 255 24.97 -7.16 2.50
CA LEU F 255 25.62 -8.20 1.66
C LEU F 255 26.64 -8.96 2.52
N THR F 256 26.34 -10.22 2.89
CA THR F 256 27.29 -11.14 3.59
C THR F 256 28.31 -11.67 2.58
N GLN F 257 29.37 -12.30 3.08
CA GLN F 257 30.44 -12.93 2.25
C GLN F 257 29.89 -14.23 1.66
N ASP F 258 28.84 -14.78 2.27
CA ASP F 258 28.02 -15.89 1.73
C ASP F 258 27.41 -15.45 0.39
N HIS F 259 26.89 -14.22 0.32
CA HIS F 259 26.25 -13.62 -0.89
C HIS F 259 27.31 -13.43 -1.98
N VAL F 260 28.48 -12.92 -1.62
CA VAL F 260 29.63 -12.69 -2.55
C VAL F 260 29.95 -14.00 -3.24
N ASP F 261 30.02 -15.08 -2.46
CA ASP F 261 30.44 -16.42 -2.95
C ASP F 261 29.33 -16.95 -3.87
N ILE F 262 28.07 -16.57 -3.64
CA ILE F 262 26.91 -16.97 -4.50
C ILE F 262 27.01 -16.26 -5.86
N LEU F 263 27.70 -15.12 -5.93
CA LEU F 263 27.74 -14.26 -7.16
C LEU F 263 29.02 -14.53 -7.96
N GLY F 264 29.90 -15.41 -7.47
CA GLY F 264 31.19 -15.73 -8.11
C GLY F 264 31.03 -16.28 -9.53
N PRO F 265 30.20 -17.34 -9.72
CA PRO F 265 29.95 -17.92 -11.04
C PRO F 265 29.53 -16.88 -12.09
N LEU F 266 28.64 -15.95 -11.72
CA LEU F 266 28.18 -14.86 -12.60
C LEU F 266 29.31 -13.83 -12.79
N SER F 267 30.01 -13.47 -11.70
CA SER F 267 31.20 -12.57 -11.73
C SER F 267 32.30 -13.23 -12.58
N ALA F 268 32.54 -14.53 -12.35
CA ALA F 268 33.53 -15.36 -13.08
C ALA F 268 33.14 -15.42 -14.57
N GLN F 269 31.85 -15.30 -14.88
CA GLN F 269 31.28 -15.44 -16.25
C GLN F 269 31.47 -14.14 -17.04
N THR F 270 31.42 -13.00 -16.36
CA THR F 270 31.41 -11.64 -16.96
C THR F 270 32.78 -10.96 -16.80
N GLY F 271 33.63 -11.50 -15.93
CA GLY F 271 34.94 -10.93 -15.57
C GLY F 271 34.86 -9.90 -14.46
N ILE F 272 33.65 -9.43 -14.12
CA ILE F 272 33.38 -8.30 -13.19
C ILE F 272 33.24 -8.86 -11.78
N ALA F 273 34.17 -8.56 -10.87
CA ALA F 273 34.15 -9.07 -9.48
C ALA F 273 32.94 -8.46 -8.76
N VAL F 274 32.47 -9.11 -7.69
CA VAL F 274 31.25 -8.71 -6.92
C VAL F 274 31.38 -7.24 -6.49
N LEU F 275 32.55 -6.87 -5.96
CA LEU F 275 32.85 -5.52 -5.41
C LEU F 275 32.82 -4.48 -6.53
N ASP F 276 33.20 -4.84 -7.75
CA ASP F 276 33.17 -3.89 -8.90
C ASP F 276 31.71 -3.60 -9.27
N MET F 277 30.83 -4.61 -9.16
CA MET F 277 29.39 -4.51 -9.50
C MET F 277 28.71 -3.74 -8.37
N CYS F 278 29.15 -3.94 -7.12
CA CYS F 278 28.65 -3.25 -5.90
C CYS F 278 28.90 -1.74 -6.01
N ALA F 279 29.98 -1.35 -6.69
CA ALA F 279 30.35 0.06 -6.96
C ALA F 279 29.52 0.61 -8.12
N SER F 280 28.90 -0.26 -8.92
CA SER F 280 27.91 0.17 -9.94
C SER F 280 26.56 0.40 -9.24
N LEU F 281 26.20 -0.44 -8.28
CA LEU F 281 24.91 -0.37 -7.54
C LEU F 281 24.91 0.87 -6.62
N LYS F 282 25.99 1.07 -5.85
CA LYS F 282 26.21 2.31 -5.06
C LYS F 282 25.85 3.50 -5.94
N GLU F 283 26.50 3.62 -7.10
CA GLU F 283 26.29 4.77 -8.02
C GLU F 283 24.81 4.85 -8.41
N LEU F 284 24.17 3.72 -8.76
CA LEU F 284 22.74 3.67 -9.18
C LEU F 284 21.83 4.06 -8.00
N LEU F 285 22.21 3.72 -6.77
CA LEU F 285 21.46 4.12 -5.54
C LEU F 285 21.53 5.64 -5.33
N GLN F 286 22.72 6.24 -5.36
CA GLN F 286 22.97 7.65 -4.93
C GLN F 286 22.55 8.64 -6.03
N ASN F 287 22.61 8.25 -7.31
CA ASN F 287 22.45 9.18 -8.46
C ASN F 287 21.20 8.80 -9.29
N GLY F 288 20.71 7.57 -9.17
CA GLY F 288 19.58 7.06 -9.98
C GLY F 288 19.99 6.63 -11.38
N MET F 289 19.02 6.59 -12.30
CA MET F 289 19.08 5.97 -13.64
C MET F 289 19.14 7.03 -14.74
N ASN F 290 18.55 8.20 -14.50
CA ASN F 290 18.63 9.41 -15.37
C ASN F 290 17.85 9.15 -16.66
N GLY F 291 16.64 8.59 -16.54
CA GLY F 291 15.75 8.30 -17.68
C GLY F 291 16.12 7.02 -18.41
N ARG F 292 17.29 6.42 -18.13
CA ARG F 292 17.77 5.17 -18.78
C ARG F 292 17.09 3.95 -18.12
N THR F 293 17.20 2.79 -18.76
CA THR F 293 16.58 1.51 -18.30
C THR F 293 17.65 0.41 -18.21
N ILE F 294 17.34 -0.67 -17.51
CA ILE F 294 18.13 -1.93 -17.51
C ILE F 294 17.11 -3.05 -17.75
N LEU F 295 17.38 -3.93 -18.72
CA LEU F 295 16.47 -5.02 -19.10
C LEU F 295 15.02 -4.51 -19.06
N GLY F 296 14.77 -3.30 -19.57
CA GLY F 296 13.41 -2.75 -19.76
C GLY F 296 12.74 -2.26 -18.47
N SER F 297 13.47 -2.16 -17.36
CA SER F 297 12.97 -1.63 -16.05
C SER F 297 13.67 -0.31 -15.70
N ALA F 298 12.94 0.61 -15.04
CA ALA F 298 13.42 1.92 -14.54
C ALA F 298 13.74 1.84 -13.03
N LEU F 299 13.27 0.79 -12.35
CA LEU F 299 13.64 0.48 -10.94
C LEU F 299 14.66 -0.65 -10.95
N LEU F 300 15.42 -0.79 -9.86
CA LEU F 300 16.34 -1.92 -9.66
C LEU F 300 15.49 -3.12 -9.22
N GLU F 301 15.60 -4.26 -9.92
CA GLU F 301 14.74 -5.45 -9.73
C GLU F 301 15.43 -6.40 -8.75
N ASP F 302 14.73 -6.84 -7.71
CA ASP F 302 15.29 -7.74 -6.65
C ASP F 302 14.48 -9.04 -6.54
N GLU F 303 13.74 -9.45 -7.57
CA GLU F 303 12.97 -10.74 -7.50
C GLU F 303 13.56 -11.76 -8.48
N PHE F 304 14.84 -11.60 -8.86
CA PHE F 304 15.65 -12.63 -9.56
C PHE F 304 16.81 -13.06 -8.66
N THR F 305 16.89 -14.35 -8.33
CA THR F 305 18.05 -14.97 -7.64
C THR F 305 19.16 -15.20 -8.65
N PRO F 306 20.42 -15.39 -8.18
CA PRO F 306 21.48 -15.88 -9.07
C PRO F 306 21.02 -17.16 -9.80
N PHE F 307 20.34 -18.09 -9.12
CA PHE F 307 19.80 -19.32 -9.75
C PHE F 307 18.93 -18.92 -10.94
N ASP F 308 18.03 -17.95 -10.74
CA ASP F 308 17.06 -17.52 -11.78
C ASP F 308 17.81 -16.93 -12.98
N VAL F 309 18.94 -16.28 -12.71
CA VAL F 309 19.77 -15.62 -13.76
C VAL F 309 20.43 -16.72 -14.60
N VAL F 310 21.06 -17.68 -13.95
CA VAL F 310 21.75 -18.80 -14.65
C VAL F 310 20.71 -19.62 -15.43
N ARG F 311 19.48 -19.77 -14.93
CA ARG F 311 18.39 -20.53 -15.63
C ARG F 311 18.14 -19.94 -17.03
N GLN F 312 18.17 -18.61 -17.13
CA GLN F 312 17.76 -17.88 -18.36
C GLN F 312 18.99 -17.58 -19.21
N CYS F 313 20.12 -17.27 -18.57
CA CYS F 313 21.41 -16.92 -19.22
C CYS F 313 22.19 -18.19 -19.61
N SER F 314 22.06 -19.29 -18.88
CA SER F 314 22.61 -20.62 -19.25
C SER F 314 24.08 -20.48 -19.71
N GLY F 315 24.85 -19.63 -19.04
CA GLY F 315 26.26 -19.41 -19.39
C GLY F 315 27.14 -20.50 -18.79
N VAL F 316 28.31 -20.69 -19.39
CA VAL F 316 29.34 -21.70 -19.01
C VAL F 316 30.32 -21.07 -18.02
N THR F 317 31.00 -21.88 -17.21
CA THR F 317 32.10 -21.41 -16.33
C THR F 317 33.37 -22.12 -16.78
N PHE F 318 34.28 -21.34 -17.34
CA PHE F 318 35.65 -21.79 -17.70
C PHE F 318 36.41 -21.98 -16.40
N GLN F 319 37.10 -23.10 -16.25
CA GLN F 319 37.79 -23.43 -14.99
C GLN F 319 39.30 -23.43 -15.29
#